data_2MKG
#
_entry.id   2MKG
#
_cell.length_a   1.000
_cell.length_b   1.000
_cell.length_c   1.000
_cell.angle_alpha   90.00
_cell.angle_beta   90.00
_cell.angle_gamma   90.00
#
_symmetry.space_group_name_H-M   'P 1'
#
_entity_poly.entity_id   1
_entity_poly.type   'polypeptide(L)'
_entity_poly.pdbx_seq_one_letter_code
;GPLGSRKIAQMTEEEQFALALKMSEQEAREVNSQEEEEEELLRKAIAESLNSCRPSDASATRS
;
_entity_poly.pdbx_strand_id   A
#
# COMPACT_ATOMS: atom_id res chain seq x y z
N GLY A 1 17.66 -16.21 -22.35
CA GLY A 1 18.01 -14.91 -21.70
C GLY A 1 19.33 -15.07 -20.94
N PRO A 2 19.59 -14.19 -20.00
CA PRO A 2 20.83 -14.22 -19.18
C PRO A 2 20.97 -15.55 -18.41
N LEU A 3 22.20 -16.03 -18.30
CA LEU A 3 22.45 -17.27 -17.58
C LEU A 3 21.62 -18.41 -18.17
N GLY A 4 21.10 -18.19 -19.37
CA GLY A 4 20.30 -19.21 -20.05
C GLY A 4 18.94 -19.35 -19.37
N SER A 5 18.52 -18.31 -18.66
CA SER A 5 17.24 -18.33 -17.97
C SER A 5 16.09 -18.36 -18.98
N ARG A 6 15.03 -19.08 -18.62
CA ARG A 6 13.87 -19.18 -19.50
C ARG A 6 13.07 -17.88 -19.48
N LYS A 7 12.59 -17.47 -20.65
CA LYS A 7 11.82 -16.24 -20.75
C LYS A 7 10.51 -16.37 -19.98
N ILE A 8 10.00 -15.23 -19.49
CA ILE A 8 8.77 -15.24 -18.73
C ILE A 8 7.56 -15.37 -19.65
N ALA A 9 6.72 -16.36 -19.37
CA ALA A 9 5.53 -16.59 -20.17
C ALA A 9 4.52 -15.47 -20.00
N GLN A 10 3.62 -15.32 -20.95
CA GLN A 10 2.61 -14.28 -20.88
C GLN A 10 1.75 -14.45 -19.64
N MET A 11 1.34 -13.34 -19.04
CA MET A 11 0.51 -13.36 -17.84
C MET A 11 -0.96 -13.48 -18.20
N THR A 12 -1.71 -14.22 -17.39
CA THR A 12 -3.14 -14.40 -17.62
C THR A 12 -3.91 -13.18 -17.16
N GLU A 13 -5.18 -13.10 -17.55
CA GLU A 13 -6.01 -11.96 -17.18
C GLU A 13 -6.11 -11.87 -15.65
N GLU A 14 -6.30 -13.01 -15.01
CA GLU A 14 -6.42 -13.05 -13.56
C GLU A 14 -5.11 -12.58 -12.91
N GLU A 15 -3.99 -12.99 -13.51
CA GLU A 15 -2.69 -12.61 -12.99
C GLU A 15 -2.51 -11.10 -13.04
N GLN A 16 -2.95 -10.49 -14.13
CA GLN A 16 -2.82 -9.05 -14.29
C GLN A 16 -3.58 -8.32 -13.18
N PHE A 17 -4.78 -8.80 -12.87
CA PHE A 17 -5.58 -8.18 -11.81
C PHE A 17 -4.86 -8.34 -10.48
N ALA A 18 -4.27 -9.51 -10.26
CA ALA A 18 -3.55 -9.77 -9.02
C ALA A 18 -2.40 -8.78 -8.87
N LEU A 19 -1.72 -8.51 -9.98
CA LEU A 19 -0.60 -7.58 -9.98
C LEU A 19 -1.08 -6.19 -9.57
N ALA A 20 -2.26 -5.81 -10.03
CA ALA A 20 -2.80 -4.50 -9.70
C ALA A 20 -2.96 -4.36 -8.18
N LEU A 21 -3.46 -5.41 -7.55
CA LEU A 21 -3.65 -5.40 -6.11
C LEU A 21 -2.31 -5.38 -5.40
N LYS A 22 -1.36 -6.14 -5.93
CA LYS A 22 -0.03 -6.21 -5.33
C LYS A 22 0.65 -4.84 -5.37
N MET A 23 0.49 -4.13 -6.48
CA MET A 23 1.08 -2.82 -6.62
C MET A 23 0.51 -1.84 -5.60
N SER A 24 -0.80 -1.93 -5.38
CA SER A 24 -1.45 -1.05 -4.42
C SER A 24 -0.89 -1.29 -3.02
N GLU A 25 -0.69 -2.56 -2.69
CA GLU A 25 -0.15 -2.92 -1.37
C GLU A 25 1.26 -2.37 -1.21
N GLN A 26 2.05 -2.47 -2.27
CA GLN A 26 3.42 -1.99 -2.24
C GLN A 26 3.46 -0.48 -2.02
N GLU A 27 2.53 0.22 -2.66
CA GLU A 27 2.48 1.68 -2.52
C GLU A 27 2.25 2.06 -1.06
N ALA A 28 1.38 1.33 -0.38
CA ALA A 28 1.10 1.62 1.02
C ALA A 28 2.32 1.28 1.89
N ARG A 29 3.00 0.18 1.56
CA ARG A 29 4.16 -0.24 2.31
C ARG A 29 5.36 0.64 2.02
N GLU A 30 5.25 1.46 0.98
CA GLU A 30 6.33 2.36 0.60
C GLU A 30 6.38 3.56 1.54
N VAL A 31 5.44 3.60 2.46
CA VAL A 31 5.40 4.70 3.43
C VAL A 31 6.56 4.59 4.40
N ASN A 32 7.30 5.68 4.56
CA ASN A 32 8.44 5.69 5.47
C ASN A 32 7.98 5.94 6.91
N SER A 33 8.39 5.07 7.82
CA SER A 33 8.03 5.19 9.23
C SER A 33 8.69 6.42 9.84
N GLN A 34 9.76 6.87 9.21
CA GLN A 34 10.50 8.03 9.71
C GLN A 34 9.60 9.26 9.71
N GLU A 35 8.63 9.29 8.80
CA GLU A 35 7.72 10.44 8.72
C GLU A 35 6.95 10.58 10.03
N GLU A 36 6.48 9.47 10.58
CA GLU A 36 5.74 9.51 11.83
C GLU A 36 6.66 9.88 12.99
N GLU A 37 7.86 9.32 12.97
CA GLU A 37 8.83 9.59 14.02
C GLU A 37 9.28 11.05 13.96
N GLU A 38 9.46 11.56 12.75
CA GLU A 38 9.90 12.93 12.57
C GLU A 38 8.87 13.89 13.17
N GLU A 39 7.59 13.60 12.95
CA GLU A 39 6.53 14.45 13.48
C GLU A 39 6.59 14.49 15.01
N GLU A 40 6.80 13.31 15.61
CA GLU A 40 6.89 13.24 17.06
C GLU A 40 8.09 14.03 17.57
N LEU A 41 9.21 13.90 16.87
CA LEU A 41 10.42 14.61 17.26
C LEU A 41 10.22 16.11 17.17
N LEU A 42 9.48 16.55 16.16
CA LEU A 42 9.24 17.97 15.99
C LEU A 42 8.47 18.53 17.19
N ARG A 43 7.47 17.78 17.64
CA ARG A 43 6.68 18.23 18.78
C ARG A 43 7.56 18.34 20.02
N LYS A 44 8.44 17.37 20.20
CA LYS A 44 9.34 17.36 21.34
C LYS A 44 10.39 18.45 21.21
N ALA A 45 10.82 18.70 19.98
CA ALA A 45 11.83 19.71 19.72
C ALA A 45 11.36 21.07 20.19
N ILE A 46 10.07 21.35 20.00
CA ILE A 46 9.52 22.63 20.41
C ILE A 46 9.67 22.82 21.92
N ALA A 47 9.32 21.79 22.68
CA ALA A 47 9.42 21.86 24.13
C ALA A 47 10.89 22.02 24.55
N GLU A 48 11.77 21.30 23.87
CA GLU A 48 13.20 21.38 24.18
C GLU A 48 13.72 22.76 23.82
N SER A 49 13.22 23.34 22.75
CA SER A 49 13.66 24.65 22.31
C SER A 49 13.36 25.69 23.38
N LEU A 50 12.20 25.56 24.00
CA LEU A 50 11.80 26.49 25.06
C LEU A 50 12.68 26.28 26.29
N ASN A 51 13.12 25.05 26.48
CA ASN A 51 13.96 24.72 27.62
C ASN A 51 15.43 24.74 27.23
N SER A 52 15.70 25.22 26.01
CA SER A 52 17.07 25.30 25.51
C SER A 52 17.69 26.64 25.89
N CYS A 53 16.94 27.46 26.62
CA CYS A 53 17.43 28.77 27.04
C CYS A 53 18.88 28.67 27.50
N ARG A 54 19.74 29.49 26.91
CA ARG A 54 21.16 29.49 27.27
C ARG A 54 21.76 30.87 27.05
N PRO A 55 21.45 31.79 27.92
CA PRO A 55 21.99 33.19 27.84
C PRO A 55 23.51 33.22 27.85
N SER A 56 24.09 34.13 27.08
CA SER A 56 25.55 34.26 27.02
C SER A 56 26.08 34.78 28.35
N ASP A 57 27.25 34.29 28.74
CA ASP A 57 27.87 34.72 29.99
C ASP A 57 28.20 36.21 29.94
N ALA A 58 27.89 36.92 31.03
CA ALA A 58 28.16 38.34 31.09
C ALA A 58 29.66 38.61 31.07
N SER A 59 30.42 37.72 31.72
CA SER A 59 31.87 37.87 31.78
C SER A 59 32.50 37.51 30.44
N ALA A 60 31.76 36.77 29.62
CA ALA A 60 32.26 36.37 28.30
C ALA A 60 33.22 35.18 28.45
N THR A 61 33.25 34.60 29.65
CA THR A 61 34.14 33.46 29.91
C THR A 61 33.41 32.15 29.65
N ARG A 62 34.07 31.25 28.93
CA ARG A 62 33.49 29.95 28.62
C ARG A 62 33.52 29.04 29.83
N SER A 63 32.43 28.28 30.01
CA SER A 63 32.34 27.36 31.14
C SER A 63 33.54 26.43 31.16
N GLY A 1 17.81 -22.24 -12.22
CA GLY A 1 18.64 -22.82 -13.33
C GLY A 1 17.74 -23.53 -14.32
N PRO A 2 17.03 -22.78 -15.11
CA PRO A 2 16.09 -23.36 -16.14
C PRO A 2 16.81 -24.32 -17.08
N LEU A 3 16.15 -25.43 -17.38
CA LEU A 3 16.73 -26.44 -18.28
C LEU A 3 16.03 -26.42 -19.63
N GLY A 4 16.10 -25.28 -20.32
CA GLY A 4 15.47 -25.15 -21.63
C GLY A 4 13.95 -25.01 -21.49
N SER A 5 13.51 -24.54 -20.33
CA SER A 5 12.09 -24.37 -20.08
C SER A 5 11.49 -23.38 -21.06
N ARG A 6 10.25 -23.63 -21.46
CA ARG A 6 9.56 -22.77 -22.41
C ARG A 6 9.43 -21.35 -21.84
N LYS A 7 9.54 -20.36 -22.71
CA LYS A 7 9.44 -18.97 -22.28
C LYS A 7 8.09 -18.72 -21.61
N ILE A 8 8.05 -17.73 -20.73
CA ILE A 8 6.82 -17.41 -20.01
C ILE A 8 5.79 -16.80 -20.96
N ALA A 9 4.59 -17.37 -20.95
CA ALA A 9 3.51 -16.88 -21.80
C ALA A 9 2.97 -15.55 -21.28
N GLN A 10 2.15 -14.89 -22.10
CA GLN A 10 1.58 -13.61 -21.71
C GLN A 10 0.77 -13.75 -20.42
N MET A 11 0.76 -12.70 -19.62
CA MET A 11 0.03 -12.72 -18.36
C MET A 11 -1.47 -12.76 -18.61
N THR A 12 -2.16 -13.62 -17.87
CA THR A 12 -3.61 -13.75 -18.00
C THR A 12 -4.32 -12.63 -17.27
N GLU A 13 -5.61 -12.48 -17.52
CA GLU A 13 -6.40 -11.43 -16.86
C GLU A 13 -6.38 -11.63 -15.35
N GLU A 14 -6.49 -12.88 -14.92
CA GLU A 14 -6.49 -13.17 -13.49
C GLU A 14 -5.16 -12.76 -12.86
N GLU A 15 -4.06 -13.05 -13.56
CA GLU A 15 -2.74 -12.69 -13.05
C GLU A 15 -2.57 -11.18 -13.01
N GLN A 16 -3.08 -10.51 -14.04
CA GLN A 16 -2.99 -9.05 -14.12
C GLN A 16 -3.70 -8.41 -12.94
N PHE A 17 -4.86 -8.94 -12.59
CA PHE A 17 -5.63 -8.40 -11.48
C PHE A 17 -4.84 -8.52 -10.18
N ALA A 18 -4.29 -9.70 -9.93
CA ALA A 18 -3.50 -9.92 -8.72
C ALA A 18 -2.29 -9.00 -8.69
N LEU A 19 -1.66 -8.83 -9.84
CA LEU A 19 -0.48 -7.98 -9.92
C LEU A 19 -0.82 -6.53 -9.56
N ALA A 20 -1.98 -6.07 -10.03
CA ALA A 20 -2.40 -4.71 -9.76
C ALA A 20 -2.56 -4.48 -8.26
N LEU A 21 -3.13 -5.47 -7.58
CA LEU A 21 -3.33 -5.37 -6.14
C LEU A 21 -1.99 -5.43 -5.42
N LYS A 22 -1.07 -6.23 -5.95
CA LYS A 22 0.24 -6.36 -5.33
C LYS A 22 0.96 -5.02 -5.33
N MET A 23 0.87 -4.30 -6.44
CA MET A 23 1.52 -3.01 -6.55
C MET A 23 0.89 -2.01 -5.60
N SER A 24 -0.44 -2.07 -5.47
CA SER A 24 -1.15 -1.16 -4.58
C SER A 24 -0.74 -1.39 -3.13
N GLU A 25 -0.53 -2.65 -2.76
CA GLU A 25 -0.12 -2.98 -1.40
C GLU A 25 1.25 -2.40 -1.09
N GLN A 26 2.15 -2.48 -2.07
CA GLN A 26 3.50 -1.95 -1.89
C GLN A 26 3.46 -0.44 -1.68
N GLU A 27 2.64 0.24 -2.45
CA GLU A 27 2.51 1.69 -2.34
C GLU A 27 1.86 2.07 -1.01
N ALA A 28 1.03 1.16 -0.50
CA ALA A 28 0.33 1.42 0.76
C ALA A 28 1.34 1.57 1.90
N ARG A 29 2.51 0.97 1.73
CA ARG A 29 3.55 1.04 2.75
C ARG A 29 4.17 2.43 2.79
N GLU A 30 4.15 3.12 1.65
CA GLU A 30 4.74 4.46 1.57
C GLU A 30 3.66 5.53 1.67
N VAL A 31 2.45 5.13 1.38
CA VAL A 31 1.29 6.04 1.44
C VAL A 31 0.70 6.06 2.85
N ASN A 32 0.02 7.15 3.18
CA ASN A 32 -0.59 7.28 4.50
C ASN A 32 -1.44 6.04 4.81
N SER A 33 -1.61 5.77 6.10
CA SER A 33 -2.37 4.60 6.53
C SER A 33 -3.81 4.71 6.04
N GLN A 34 -4.24 5.92 5.74
CA GLN A 34 -5.59 6.16 5.27
C GLN A 34 -5.83 5.40 3.96
N GLU A 35 -4.84 5.43 3.09
CA GLU A 35 -4.96 4.73 1.81
C GLU A 35 -5.04 3.23 2.02
N GLU A 36 -4.26 2.73 2.97
CA GLU A 36 -4.23 1.29 3.25
C GLU A 36 -5.61 0.83 3.72
N GLU A 37 -6.25 1.64 4.56
CA GLU A 37 -7.57 1.29 5.07
C GLU A 37 -8.57 1.18 3.93
N GLU A 38 -8.48 2.12 2.99
CA GLU A 38 -9.39 2.13 1.86
C GLU A 38 -9.20 0.87 1.02
N GLU A 39 -7.95 0.48 0.82
CA GLU A 39 -7.64 -0.70 0.01
C GLU A 39 -8.24 -1.94 0.66
N GLU A 40 -8.14 -2.02 1.98
CA GLU A 40 -8.67 -3.17 2.71
C GLU A 40 -10.19 -3.25 2.53
N LEU A 41 -10.85 -2.10 2.59
CA LEU A 41 -12.29 -2.05 2.43
C LEU A 41 -12.70 -2.55 1.06
N LEU A 42 -11.91 -2.20 0.05
CA LEU A 42 -12.21 -2.61 -1.31
C LEU A 42 -12.16 -4.13 -1.43
N ARG A 43 -11.14 -4.73 -0.84
CA ARG A 43 -10.99 -6.18 -0.89
C ARG A 43 -12.17 -6.86 -0.19
N LYS A 44 -12.58 -6.29 0.93
CA LYS A 44 -13.69 -6.86 1.69
C LYS A 44 -14.96 -6.85 0.84
N ALA A 45 -15.19 -5.76 0.13
CA ALA A 45 -16.39 -5.64 -0.71
C ALA A 45 -16.43 -6.74 -1.75
N ILE A 46 -15.29 -7.03 -2.35
CA ILE A 46 -15.21 -8.08 -3.37
C ILE A 46 -15.55 -9.44 -2.75
N ALA A 47 -15.00 -9.71 -1.58
CA ALA A 47 -15.25 -10.98 -0.90
C ALA A 47 -16.73 -11.14 -0.59
N GLU A 48 -17.37 -10.05 -0.15
CA GLU A 48 -18.78 -10.09 0.18
C GLU A 48 -19.62 -10.43 -1.05
N SER A 49 -19.22 -9.88 -2.19
CA SER A 49 -19.95 -10.12 -3.44
C SER A 49 -19.91 -11.61 -3.80
N LEU A 50 -18.76 -12.23 -3.59
CA LEU A 50 -18.60 -13.65 -3.89
C LEU A 50 -19.16 -14.51 -2.77
N ASN A 51 -19.02 -14.02 -1.54
CA ASN A 51 -19.53 -14.76 -0.39
C ASN A 51 -21.04 -14.69 -0.32
N SER A 52 -21.62 -13.83 -1.14
CA SER A 52 -23.08 -13.68 -1.19
C SER A 52 -23.70 -14.85 -1.92
N CYS A 53 -22.87 -15.60 -2.63
CA CYS A 53 -23.35 -16.76 -3.38
C CYS A 53 -23.45 -17.97 -2.46
N ARG A 54 -24.66 -18.50 -2.33
CA ARG A 54 -24.89 -19.66 -1.48
C ARG A 54 -25.93 -20.58 -2.11
N PRO A 55 -25.52 -21.36 -3.07
CA PRO A 55 -26.42 -22.31 -3.78
C PRO A 55 -27.11 -23.28 -2.83
N SER A 56 -28.33 -23.67 -3.18
CA SER A 56 -29.10 -24.59 -2.34
C SER A 56 -28.40 -25.95 -2.26
N ASP A 57 -28.49 -26.59 -1.09
CA ASP A 57 -27.87 -27.89 -0.90
C ASP A 57 -28.59 -28.97 -1.70
N ALA A 58 -27.87 -30.02 -2.03
CA ALA A 58 -28.47 -31.12 -2.80
C ALA A 58 -29.63 -31.73 -2.03
N SER A 59 -29.53 -31.73 -0.71
CA SER A 59 -30.59 -32.29 0.13
C SER A 59 -31.77 -31.33 0.22
N ALA A 60 -31.59 -30.12 -0.32
CA ALA A 60 -32.64 -29.12 -0.30
C ALA A 60 -32.70 -28.42 1.05
N THR A 61 -31.71 -28.70 1.89
CA THR A 61 -31.66 -28.11 3.23
C THR A 61 -30.79 -26.86 3.21
N ARG A 62 -31.37 -25.73 3.64
CA ARG A 62 -30.64 -24.47 3.68
C ARG A 62 -30.08 -24.23 5.07
N SER A 63 -28.85 -23.72 5.13
CA SER A 63 -28.19 -23.45 6.40
C SER A 63 -26.89 -22.68 6.19
N GLY A 1 19.51 -22.43 -36.76
CA GLY A 1 19.54 -20.93 -36.77
C GLY A 1 18.76 -20.41 -35.57
N PRO A 2 17.56 -20.90 -35.37
CA PRO A 2 16.70 -20.47 -34.23
C PRO A 2 17.35 -20.75 -32.89
N LEU A 3 17.09 -19.88 -31.92
CA LEU A 3 17.66 -20.04 -30.58
C LEU A 3 17.18 -21.34 -29.96
N GLY A 4 15.92 -21.68 -30.19
CA GLY A 4 15.36 -22.91 -29.64
C GLY A 4 14.85 -22.68 -28.23
N SER A 5 14.92 -21.44 -27.76
CA SER A 5 14.46 -21.11 -26.41
C SER A 5 12.94 -21.19 -26.33
N ARG A 6 12.42 -21.35 -25.13
CA ARG A 6 10.98 -21.45 -24.93
C ARG A 6 10.33 -20.08 -25.10
N LYS A 7 9.23 -20.04 -25.85
CA LYS A 7 8.52 -18.78 -26.08
C LYS A 7 7.79 -18.36 -24.81
N ILE A 8 7.85 -17.07 -24.51
CA ILE A 8 7.18 -16.54 -23.31
C ILE A 8 5.67 -16.68 -23.44
N ALA A 9 5.06 -17.31 -22.44
CA ALA A 9 3.61 -17.50 -22.44
C ALA A 9 2.91 -16.21 -22.04
N GLN A 10 1.68 -16.03 -22.55
CA GLN A 10 0.90 -14.84 -22.23
C GLN A 10 0.33 -14.94 -20.83
N MET A 11 0.27 -13.80 -20.14
CA MET A 11 -0.26 -13.76 -18.79
C MET A 11 -1.78 -13.76 -18.80
N THR A 12 -2.39 -14.48 -17.86
CA THR A 12 -3.85 -14.55 -17.79
C THR A 12 -4.41 -13.28 -17.16
N GLU A 13 -5.71 -13.10 -17.28
CA GLU A 13 -6.36 -11.91 -16.73
C GLU A 13 -6.18 -11.88 -15.22
N GLU A 14 -6.22 -13.05 -14.60
CA GLU A 14 -6.06 -13.12 -13.15
C GLU A 14 -4.68 -12.59 -12.73
N GLU A 15 -3.66 -12.93 -13.52
CA GLU A 15 -2.31 -12.48 -13.21
C GLU A 15 -2.22 -10.96 -13.27
N GLN A 16 -2.84 -10.37 -14.28
CA GLN A 16 -2.84 -8.91 -14.42
C GLN A 16 -3.59 -8.26 -13.27
N PHE A 17 -4.72 -8.85 -12.90
CA PHE A 17 -5.52 -8.32 -11.81
C PHE A 17 -4.74 -8.32 -10.51
N ALA A 18 -4.09 -9.43 -10.22
CA ALA A 18 -3.30 -9.57 -8.99
C ALA A 18 -2.19 -8.53 -8.95
N LEU A 19 -1.59 -8.26 -10.11
CA LEU A 19 -0.51 -7.29 -10.17
C LEU A 19 -0.99 -5.91 -9.76
N ALA A 20 -2.18 -5.53 -10.21
CA ALA A 20 -2.73 -4.22 -9.88
C ALA A 20 -2.92 -4.09 -8.37
N LEU A 21 -3.44 -5.15 -7.75
CA LEU A 21 -3.64 -5.14 -6.31
C LEU A 21 -2.30 -5.17 -5.58
N LYS A 22 -1.36 -5.93 -6.12
CA LYS A 22 -0.05 -6.05 -5.52
C LYS A 22 0.65 -4.71 -5.51
N MET A 23 0.53 -3.96 -6.60
CA MET A 23 1.16 -2.65 -6.70
C MET A 23 0.57 -1.70 -5.66
N SER A 24 -0.74 -1.77 -5.47
CA SER A 24 -1.40 -0.91 -4.49
C SER A 24 -0.89 -1.22 -3.08
N GLU A 25 -0.73 -2.50 -2.79
CA GLU A 25 -0.24 -2.92 -1.48
C GLU A 25 1.18 -2.42 -1.25
N GLN A 26 1.99 -2.49 -2.29
CA GLN A 26 3.38 -2.05 -2.21
C GLN A 26 3.45 -0.57 -1.89
N GLU A 27 2.57 0.21 -2.51
CA GLU A 27 2.55 1.65 -2.27
C GLU A 27 2.24 1.95 -0.80
N ALA A 28 1.31 1.19 -0.23
CA ALA A 28 0.96 1.37 1.17
C ALA A 28 2.14 1.02 2.07
N ARG A 29 2.87 -0.04 1.70
CA ARG A 29 4.02 -0.48 2.48
C ARG A 29 5.16 0.52 2.38
N GLU A 30 5.16 1.29 1.30
CA GLU A 30 6.20 2.28 1.08
C GLU A 30 6.01 3.48 1.99
N VAL A 31 4.89 3.50 2.69
CA VAL A 31 4.60 4.60 3.61
C VAL A 31 5.49 4.49 4.84
N ASN A 32 6.16 5.60 5.18
CA ASN A 32 7.04 5.62 6.33
C ASN A 32 6.25 5.88 7.61
N SER A 33 6.33 4.94 8.54
CA SER A 33 5.64 5.08 9.82
C SER A 33 6.38 6.06 10.73
N GLN A 34 7.68 6.18 10.51
CA GLN A 34 8.50 7.07 11.31
C GLN A 34 8.08 8.52 11.13
N GLU A 35 7.60 8.84 9.93
CA GLU A 35 7.16 10.20 9.64
C GLU A 35 5.98 10.59 10.52
N GLU A 36 5.05 9.65 10.72
CA GLU A 36 3.90 9.90 11.56
C GLU A 36 4.30 9.89 13.03
N GLU A 37 5.19 8.97 13.38
CA GLU A 37 5.63 8.84 14.76
C GLU A 37 6.37 10.09 15.22
N GLU A 38 7.28 10.57 14.40
CA GLU A 38 8.04 11.77 14.74
C GLU A 38 7.15 13.00 14.74
N GLU A 39 6.15 13.00 13.86
CA GLU A 39 5.25 14.13 13.77
C GLU A 39 4.49 14.29 15.08
N GLU A 40 4.03 13.17 15.63
CA GLU A 40 3.29 13.20 16.90
C GLU A 40 4.16 13.74 18.02
N LEU A 41 5.39 13.24 18.09
CA LEU A 41 6.32 13.67 19.13
C LEU A 41 6.71 15.12 18.91
N LEU A 42 6.85 15.51 17.65
CA LEU A 42 7.24 16.87 17.34
C LEU A 42 6.18 17.86 17.82
N ARG A 43 4.92 17.52 17.59
CA ARG A 43 3.82 18.38 18.01
C ARG A 43 3.81 18.53 19.52
N LYS A 44 4.10 17.45 20.21
CA LYS A 44 4.14 17.48 21.67
C LYS A 44 5.24 18.43 22.15
N ALA A 45 6.37 18.42 21.45
CA ALA A 45 7.50 19.25 21.82
C ALA A 45 7.10 20.72 21.78
N ILE A 46 6.35 21.09 20.75
CA ILE A 46 5.89 22.47 20.62
C ILE A 46 4.95 22.84 21.75
N ALA A 47 4.06 21.92 22.10
CA ALA A 47 3.09 22.17 23.15
C ALA A 47 3.80 22.46 24.47
N GLU A 48 4.85 21.69 24.75
CA GLU A 48 5.62 21.87 25.97
C GLU A 48 6.36 23.20 25.95
N SER A 49 6.89 23.55 24.79
CA SER A 49 7.64 24.81 24.63
C SER A 49 6.72 26.00 24.90
N LEU A 50 5.48 25.92 24.41
CA LEU A 50 4.53 26.99 24.60
C LEU A 50 4.12 27.10 26.06
N ASN A 51 4.01 25.97 26.72
CA ASN A 51 3.63 25.95 28.14
C ASN A 51 4.76 26.46 29.00
N SER A 52 5.99 26.33 28.51
CA SER A 52 7.16 26.79 29.25
C SER A 52 7.70 28.08 28.67
N CYS A 53 6.97 28.66 27.72
CA CYS A 53 7.41 29.89 27.08
C CYS A 53 7.28 31.07 28.04
N ARG A 54 6.31 31.94 27.77
CA ARG A 54 6.08 33.09 28.63
C ARG A 54 5.57 32.64 30.00
N PRO A 55 4.69 31.67 30.01
CA PRO A 55 4.09 31.13 31.27
C PRO A 55 5.15 30.64 32.25
N SER A 56 4.94 30.91 33.52
CA SER A 56 5.88 30.49 34.56
C SER A 56 5.81 28.98 34.76
N ASP A 57 6.92 28.39 35.18
CA ASP A 57 6.98 26.95 35.40
C ASP A 57 6.03 26.55 36.54
N ALA A 58 5.50 25.34 36.46
CA ALA A 58 4.58 24.85 37.49
C ALA A 58 5.27 24.81 38.84
N SER A 59 6.56 24.53 38.85
CA SER A 59 7.33 24.47 40.09
C SER A 59 7.77 25.87 40.50
N ALA A 60 7.60 26.83 39.61
CA ALA A 60 8.00 28.21 39.89
C ALA A 60 9.50 28.39 39.72
N THR A 61 10.26 27.46 40.30
CA THR A 61 11.73 27.53 40.22
C THR A 61 12.22 26.70 39.05
N ARG A 62 13.36 27.11 38.49
CA ARG A 62 13.94 26.40 37.36
C ARG A 62 14.70 25.16 37.83
N SER A 63 14.51 24.05 37.12
CA SER A 63 15.18 22.80 37.47
C SER A 63 15.16 22.59 38.98
N GLY A 1 15.87 -26.78 -11.23
CA GLY A 1 16.37 -27.25 -12.56
C GLY A 1 16.00 -26.21 -13.63
N PRO A 2 16.63 -25.07 -13.59
CA PRO A 2 16.36 -23.98 -14.59
C PRO A 2 16.53 -24.46 -16.02
N LEU A 3 17.49 -25.36 -16.24
CA LEU A 3 17.73 -25.87 -17.59
C LEU A 3 16.60 -26.79 -18.02
N GLY A 4 16.11 -26.56 -19.24
CA GLY A 4 15.02 -27.36 -19.76
C GLY A 4 13.69 -26.96 -19.13
N SER A 5 13.69 -25.84 -18.40
CA SER A 5 12.49 -25.37 -17.74
C SER A 5 11.46 -24.92 -18.78
N ARG A 6 10.19 -24.89 -18.37
CA ARG A 6 9.13 -24.47 -19.28
C ARG A 6 9.17 -22.96 -19.51
N LYS A 7 8.99 -22.56 -20.76
CA LYS A 7 9.02 -21.15 -21.11
C LYS A 7 7.82 -20.42 -20.49
N ILE A 8 8.01 -19.13 -20.22
CA ILE A 8 6.94 -18.34 -19.61
C ILE A 8 5.95 -17.90 -20.69
N ALA A 9 4.67 -18.18 -20.44
CA ALA A 9 3.61 -17.81 -21.39
C ALA A 9 3.04 -16.44 -21.03
N GLN A 10 2.20 -15.90 -21.92
CA GLN A 10 1.58 -14.60 -21.69
C GLN A 10 0.80 -14.61 -20.39
N MET A 11 0.81 -13.48 -19.68
CA MET A 11 0.09 -13.37 -18.42
C MET A 11 -1.41 -13.41 -18.66
N THR A 12 -2.11 -14.16 -17.82
CA THR A 12 -3.56 -14.28 -17.94
C THR A 12 -4.25 -13.05 -17.36
N GLU A 13 -5.54 -12.92 -17.64
CA GLU A 13 -6.32 -11.78 -17.14
C GLU A 13 -6.33 -11.78 -15.61
N GLU A 14 -6.48 -12.96 -15.03
CA GLU A 14 -6.51 -13.09 -13.58
C GLU A 14 -5.17 -12.67 -12.98
N GLU A 15 -4.09 -13.05 -13.64
CA GLU A 15 -2.76 -12.71 -13.15
C GLU A 15 -2.56 -11.20 -13.15
N GLN A 16 -3.03 -10.54 -14.20
CA GLN A 16 -2.90 -9.09 -14.30
C GLN A 16 -3.62 -8.41 -13.15
N PHE A 17 -4.81 -8.89 -12.83
CA PHE A 17 -5.59 -8.31 -11.74
C PHE A 17 -4.84 -8.46 -10.41
N ALA A 18 -4.31 -9.66 -10.16
CA ALA A 18 -3.57 -9.91 -8.94
C ALA A 18 -2.34 -9.01 -8.87
N LEU A 19 -1.68 -8.82 -10.00
CA LEU A 19 -0.49 -8.00 -10.06
C LEU A 19 -0.83 -6.56 -9.65
N ALA A 20 -1.98 -6.08 -10.11
CA ALA A 20 -2.41 -4.73 -9.81
C ALA A 20 -2.55 -4.54 -8.30
N LEU A 21 -3.09 -5.56 -7.64
CA LEU A 21 -3.28 -5.52 -6.20
C LEU A 21 -1.92 -5.46 -5.49
N LYS A 22 -0.95 -6.18 -6.02
CA LYS A 22 0.38 -6.20 -5.42
C LYS A 22 1.01 -4.81 -5.44
N MET A 23 0.83 -4.11 -6.56
CA MET A 23 1.39 -2.78 -6.69
C MET A 23 0.74 -1.82 -5.67
N SER A 24 -0.56 -1.96 -5.49
CA SER A 24 -1.27 -1.10 -4.55
C SER A 24 -0.73 -1.29 -3.14
N GLU A 25 -0.42 -2.52 -2.80
CA GLU A 25 0.12 -2.84 -1.47
C GLU A 25 1.48 -2.19 -1.28
N GLN A 26 2.28 -2.19 -2.35
CA GLN A 26 3.61 -1.59 -2.28
C GLN A 26 3.52 -0.10 -1.97
N GLU A 27 2.58 0.58 -2.59
CA GLU A 27 2.40 2.01 -2.35
C GLU A 27 2.05 2.25 -0.89
N ALA A 28 1.19 1.41 -0.35
CA ALA A 28 0.78 1.55 1.05
C ALA A 28 1.96 1.25 1.98
N ARG A 29 2.76 0.27 1.62
CA ARG A 29 3.91 -0.13 2.42
C ARG A 29 4.94 0.98 2.47
N GLU A 30 4.92 1.85 1.47
CA GLU A 30 5.86 2.96 1.41
C GLU A 30 5.53 4.01 2.45
N VAL A 31 4.35 3.90 3.03
CA VAL A 31 3.92 4.86 4.05
C VAL A 31 4.51 4.48 5.40
N ASN A 32 5.16 5.43 6.06
CA ASN A 32 5.75 5.17 7.37
C ASN A 32 4.71 5.32 8.47
N SER A 33 4.46 4.23 9.18
CA SER A 33 3.49 4.25 10.28
C SER A 33 4.09 4.90 11.52
N GLN A 34 5.40 4.75 11.68
CA GLN A 34 6.09 5.31 12.83
C GLN A 34 6.05 6.83 12.78
N GLU A 35 6.00 7.39 11.57
CA GLU A 35 5.96 8.83 11.41
C GLU A 35 4.72 9.41 12.08
N GLU A 36 3.59 8.75 11.88
CA GLU A 36 2.34 9.21 12.48
C GLU A 36 2.39 9.06 14.00
N GLU A 37 2.96 7.95 14.46
CA GLU A 37 3.07 7.70 15.88
C GLU A 37 3.95 8.74 16.56
N GLU A 38 5.05 9.09 15.91
CA GLU A 38 5.97 10.08 16.45
C GLU A 38 5.28 11.43 16.59
N GLU A 39 4.47 11.77 15.60
CA GLU A 39 3.76 13.05 15.63
C GLU A 39 2.82 13.11 16.82
N GLU A 40 2.15 11.99 17.12
CA GLU A 40 1.22 11.95 18.23
C GLU A 40 1.96 12.16 19.55
N LEU A 41 3.13 11.54 19.68
CA LEU A 41 3.92 11.67 20.91
C LEU A 41 4.42 13.10 21.07
N LEU A 42 4.89 13.68 19.98
CA LEU A 42 5.41 15.04 20.03
C LEU A 42 4.31 16.01 20.42
N ARG A 43 3.13 15.81 19.85
CA ARG A 43 2.01 16.68 20.15
C ARG A 43 1.62 16.58 21.61
N LYS A 44 1.64 15.35 22.13
CA LYS A 44 1.29 15.12 23.52
C LYS A 44 2.25 15.84 24.45
N ALA A 45 3.55 15.76 24.13
CA ALA A 45 4.56 16.41 24.96
C ALA A 45 4.33 17.91 24.99
N ILE A 46 3.97 18.48 23.86
CA ILE A 46 3.72 19.92 23.78
C ILE A 46 2.52 20.29 24.65
N ALA A 47 1.44 19.51 24.54
CA ALA A 47 0.23 19.77 25.30
C ALA A 47 0.51 19.67 26.79
N GLU A 48 1.30 18.67 27.18
CA GLU A 48 1.64 18.48 28.59
C GLU A 48 2.43 19.67 29.12
N SER A 49 3.35 20.18 28.31
CA SER A 49 4.17 21.31 28.72
C SER A 49 3.30 22.55 28.91
N LEU A 50 2.33 22.73 28.04
CA LEU A 50 1.44 23.89 28.13
C LEU A 50 0.49 23.73 29.31
N ASN A 51 0.09 22.50 29.58
CA ASN A 51 -0.82 22.24 30.68
C ASN A 51 -0.13 22.49 32.03
N SER A 52 1.18 22.29 32.05
CA SER A 52 1.96 22.50 33.27
C SER A 52 2.62 23.88 33.26
N CYS A 53 2.65 24.51 32.09
CA CYS A 53 3.26 25.82 31.95
C CYS A 53 4.53 25.93 32.78
N ARG A 54 5.00 27.15 32.97
CA ARG A 54 6.21 27.37 33.73
C ARG A 54 5.95 27.22 35.23
N PRO A 55 6.94 26.83 36.01
CA PRO A 55 6.78 26.68 37.50
C PRO A 55 6.27 27.96 38.15
N SER A 56 5.48 27.81 39.21
CA SER A 56 4.93 28.96 39.91
C SER A 56 6.04 29.73 40.62
N ASP A 57 5.76 31.00 40.93
CA ASP A 57 6.75 31.84 41.61
C ASP A 57 6.81 31.50 43.09
N ALA A 58 7.99 31.18 43.58
CA ALA A 58 8.18 30.85 44.98
C ALA A 58 8.00 32.09 45.85
N SER A 59 8.23 33.26 45.26
CA SER A 59 8.10 34.51 45.99
C SER A 59 6.64 34.83 46.23
N ALA A 60 5.76 34.23 45.43
CA ALA A 60 4.33 34.46 45.57
C ALA A 60 3.95 35.80 44.94
N THR A 61 4.65 36.18 43.89
CA THR A 61 4.37 37.44 43.22
C THR A 61 3.12 37.33 42.35
N ARG A 62 2.29 38.38 42.38
CA ARG A 62 1.06 38.38 41.60
C ARG A 62 1.32 38.99 40.22
N SER A 63 0.74 38.37 39.20
CA SER A 63 0.91 38.85 37.83
C SER A 63 -0.19 38.32 36.94
N GLY A 1 20.87 -12.73 -11.61
CA GLY A 1 20.33 -11.38 -11.30
C GLY A 1 19.26 -11.01 -12.32
N PRO A 2 18.59 -9.91 -12.10
CA PRO A 2 17.51 -9.43 -13.02
C PRO A 2 18.06 -9.07 -14.41
N LEU A 3 19.32 -8.67 -14.45
CA LEU A 3 19.95 -8.30 -15.72
C LEU A 3 20.20 -9.53 -16.57
N GLY A 4 19.72 -9.48 -17.82
CA GLY A 4 19.91 -10.59 -18.73
C GLY A 4 18.98 -11.74 -18.38
N SER A 5 18.01 -11.47 -17.50
CA SER A 5 17.06 -12.50 -17.08
C SER A 5 16.17 -12.91 -18.25
N ARG A 6 15.69 -14.16 -18.21
CA ARG A 6 14.82 -14.67 -19.26
C ARG A 6 13.48 -13.93 -19.26
N LYS A 7 12.91 -13.75 -20.44
CA LYS A 7 11.64 -13.05 -20.57
C LYS A 7 10.52 -13.86 -19.92
N ILE A 8 9.53 -13.16 -19.38
CA ILE A 8 8.40 -13.81 -18.72
C ILE A 8 7.30 -14.10 -19.73
N ALA A 9 6.78 -15.33 -19.68
CA ALA A 9 5.72 -15.74 -20.60
C ALA A 9 4.49 -14.84 -20.41
N GLN A 10 3.61 -14.85 -21.42
CA GLN A 10 2.41 -14.02 -21.35
C GLN A 10 1.59 -14.36 -20.11
N MET A 11 1.28 -13.34 -19.33
CA MET A 11 0.49 -13.52 -18.11
C MET A 11 -1.00 -13.55 -18.42
N THR A 12 -1.74 -14.31 -17.63
CA THR A 12 -3.19 -14.41 -17.83
C THR A 12 -3.89 -13.16 -17.30
N GLU A 13 -5.15 -12.99 -17.69
CA GLU A 13 -5.92 -11.84 -17.24
C GLU A 13 -6.06 -11.83 -15.74
N GLU A 14 -6.25 -13.01 -15.16
CA GLU A 14 -6.42 -13.12 -13.71
C GLU A 14 -5.15 -12.64 -12.99
N GLU A 15 -4.00 -12.97 -13.55
CA GLU A 15 -2.73 -12.55 -12.97
C GLU A 15 -2.60 -11.04 -12.99
N GLN A 16 -3.06 -10.41 -14.07
CA GLN A 16 -2.98 -8.96 -14.19
C GLN A 16 -3.76 -8.28 -13.07
N PHE A 17 -4.95 -8.79 -12.79
CA PHE A 17 -5.78 -8.23 -11.73
C PHE A 17 -5.07 -8.35 -10.38
N ALA A 18 -4.56 -9.55 -10.10
CA ALA A 18 -3.85 -9.79 -8.86
C ALA A 18 -2.61 -8.92 -8.77
N LEU A 19 -1.93 -8.76 -9.89
CA LEU A 19 -0.71 -7.96 -9.92
C LEU A 19 -1.02 -6.52 -9.53
N ALA A 20 -2.12 -6.00 -10.04
CA ALA A 20 -2.50 -4.62 -9.74
C ALA A 20 -2.69 -4.44 -8.24
N LEU A 21 -3.29 -5.44 -7.60
CA LEU A 21 -3.52 -5.38 -6.16
C LEU A 21 -2.21 -5.33 -5.40
N LYS A 22 -1.23 -6.10 -5.89
CA LYS A 22 0.08 -6.14 -5.24
C LYS A 22 0.75 -4.77 -5.31
N MET A 23 0.59 -4.10 -6.45
CA MET A 23 1.18 -2.78 -6.63
C MET A 23 0.60 -1.80 -5.63
N SER A 24 -0.70 -1.86 -5.43
CA SER A 24 -1.37 -0.96 -4.49
C SER A 24 -0.85 -1.20 -3.08
N GLU A 25 -0.63 -2.47 -2.74
CA GLU A 25 -0.13 -2.82 -1.41
C GLU A 25 1.30 -2.33 -1.22
N GLN A 26 2.11 -2.47 -2.27
CA GLN A 26 3.50 -2.04 -2.19
C GLN A 26 3.58 -0.54 -1.97
N GLU A 27 2.72 0.20 -2.65
CA GLU A 27 2.71 1.66 -2.51
C GLU A 27 2.39 2.05 -1.07
N ALA A 28 1.45 1.34 -0.46
CA ALA A 28 1.07 1.62 0.91
C ALA A 28 2.23 1.35 1.86
N ARG A 29 2.99 0.30 1.57
CA ARG A 29 4.13 -0.07 2.42
C ARG A 29 5.35 0.78 2.07
N GLU A 30 5.35 1.35 0.87
CA GLU A 30 6.46 2.18 0.42
C GLU A 30 6.24 3.63 0.84
N VAL A 31 5.26 3.84 1.69
CA VAL A 31 4.97 5.20 2.15
C VAL A 31 6.19 5.76 2.90
N ASN A 32 6.54 7.00 2.59
CA ASN A 32 7.69 7.61 3.24
C ASN A 32 7.53 7.55 4.76
N SER A 33 8.58 7.10 5.42
CA SER A 33 8.57 6.99 6.88
C SER A 33 8.52 8.38 7.51
N GLN A 34 8.93 9.37 6.73
CA GLN A 34 8.94 10.76 7.21
C GLN A 34 7.54 11.20 7.58
N GLU A 35 6.55 10.65 6.89
CA GLU A 35 5.16 11.03 7.17
C GLU A 35 4.79 10.69 8.60
N GLU A 36 5.19 9.52 9.06
CA GLU A 36 4.89 9.10 10.43
C GLU A 36 5.72 9.91 11.43
N GLU A 37 6.96 10.21 11.05
CA GLU A 37 7.86 10.95 11.91
C GLU A 37 7.28 12.33 12.19
N GLU A 38 6.63 12.91 11.19
CA GLU A 38 6.04 14.24 11.34
C GLU A 38 5.02 14.23 12.48
N GLU A 39 4.25 13.15 12.57
CA GLU A 39 3.25 13.05 13.62
C GLU A 39 3.90 13.00 15.00
N GLU A 40 5.01 12.29 15.10
CA GLU A 40 5.71 12.16 16.38
C GLU A 40 6.20 13.53 16.86
N LEU A 41 6.80 14.29 15.96
CA LEU A 41 7.31 15.61 16.31
C LEU A 41 6.18 16.53 16.73
N LEU A 42 5.06 16.42 16.03
CA LEU A 42 3.92 17.27 16.35
C LEU A 42 3.41 16.97 17.75
N ARG A 43 3.31 15.70 18.08
CA ARG A 43 2.83 15.30 19.39
C ARG A 43 3.81 15.77 20.48
N LYS A 44 5.09 15.67 20.17
CA LYS A 44 6.12 16.09 21.13
C LYS A 44 5.99 17.58 21.43
N ALA A 45 5.75 18.36 20.39
CA ALA A 45 5.61 19.80 20.56
C ALA A 45 4.42 20.12 21.47
N ILE A 46 3.33 19.39 21.28
CA ILE A 46 2.14 19.59 22.09
C ILE A 46 2.41 19.25 23.55
N ALA A 47 3.09 18.13 23.77
CA ALA A 47 3.39 17.70 25.13
C ALA A 47 4.25 18.74 25.84
N GLU A 48 5.21 19.30 25.12
CA GLU A 48 6.09 20.31 25.70
C GLU A 48 5.30 21.55 26.11
N SER A 49 4.31 21.92 25.30
CA SER A 49 3.51 23.10 25.58
C SER A 49 2.74 22.91 26.89
N LEU A 50 2.21 21.72 27.11
CA LEU A 50 1.46 21.44 28.34
C LEU A 50 2.40 21.22 29.52
N ASN A 51 3.54 20.61 29.24
CA ASN A 51 4.51 20.35 30.29
C ASN A 51 5.17 21.65 30.75
N SER A 52 5.17 22.64 29.87
CA SER A 52 5.77 23.93 30.19
C SER A 52 4.82 24.76 31.05
N CYS A 53 3.58 24.30 31.18
CA CYS A 53 2.59 25.01 31.97
C CYS A 53 2.47 26.45 31.51
N ARG A 54 2.01 26.63 30.27
CA ARG A 54 1.84 27.97 29.72
C ARG A 54 1.18 28.90 30.74
N PRO A 55 -0.01 28.57 31.16
CA PRO A 55 -0.76 29.40 32.16
C PRO A 55 -0.01 29.49 33.49
N SER A 56 -0.14 30.65 34.15
CA SER A 56 0.52 30.86 35.43
C SER A 56 -0.05 29.93 36.50
N ASP A 57 0.80 29.48 37.40
CA ASP A 57 0.36 28.58 38.46
C ASP A 57 -0.67 29.28 39.35
N ALA A 58 -1.42 28.48 40.11
CA ALA A 58 -2.45 29.03 40.99
C ALA A 58 -1.82 29.98 42.01
N SER A 59 -0.59 29.69 42.41
CA SER A 59 0.11 30.53 43.39
C SER A 59 0.54 31.85 42.76
N ALA A 60 0.45 31.93 41.43
CA ALA A 60 0.84 33.15 40.71
C ALA A 60 2.36 33.22 40.57
N THR A 61 3.06 32.49 41.42
CA THR A 61 4.52 32.48 41.39
C THR A 61 5.02 31.57 40.27
N ARG A 62 6.25 31.79 39.84
CA ARG A 62 6.85 30.99 38.77
C ARG A 62 7.58 29.78 39.35
N SER A 63 7.25 28.60 38.84
CA SER A 63 7.87 27.38 39.32
C SER A 63 9.37 27.39 39.03
N GLY A 1 19.80 -0.39 -21.41
CA GLY A 1 18.62 -0.12 -22.30
C GLY A 1 17.98 -1.44 -22.71
N PRO A 2 17.08 -1.40 -23.64
CA PRO A 2 16.36 -2.61 -24.14
C PRO A 2 17.34 -3.65 -24.67
N LEU A 3 18.46 -3.19 -25.19
CA LEU A 3 19.46 -4.09 -25.74
C LEU A 3 20.09 -4.92 -24.64
N GLY A 4 19.91 -6.25 -24.73
CA GLY A 4 20.47 -7.16 -23.73
C GLY A 4 19.47 -7.42 -22.61
N SER A 5 18.45 -6.57 -22.52
CA SER A 5 17.43 -6.71 -21.50
C SER A 5 16.50 -7.88 -21.82
N ARG A 6 16.03 -8.56 -20.80
CA ARG A 6 15.12 -9.70 -21.00
C ARG A 6 13.76 -9.21 -21.48
N LYS A 7 13.17 -9.97 -22.39
CA LYS A 7 11.86 -9.61 -22.93
C LYS A 7 10.79 -9.70 -21.84
N ILE A 8 9.88 -8.72 -21.85
CA ILE A 8 8.80 -8.69 -20.86
C ILE A 8 7.63 -9.54 -21.31
N ALA A 9 7.24 -10.49 -20.45
CA ALA A 9 6.13 -11.38 -20.77
C ALA A 9 4.80 -10.65 -20.55
N GLN A 10 3.81 -11.00 -21.38
CA GLN A 10 2.49 -10.38 -21.26
C GLN A 10 1.78 -10.84 -20.00
N MET A 11 1.13 -9.91 -19.32
CA MET A 11 0.41 -10.24 -18.09
C MET A 11 -1.00 -10.72 -18.40
N THR A 12 -1.39 -11.84 -17.79
CA THR A 12 -2.71 -12.39 -18.01
C THR A 12 -3.76 -11.62 -17.23
N GLU A 13 -5.03 -11.83 -17.55
CA GLU A 13 -6.11 -11.13 -16.87
C GLU A 13 -6.10 -11.47 -15.38
N GLU A 14 -5.93 -12.75 -15.07
CA GLU A 14 -5.92 -13.19 -13.68
C GLU A 14 -4.71 -12.61 -12.95
N GLU A 15 -3.56 -12.65 -13.62
CA GLU A 15 -2.32 -12.12 -13.04
C GLU A 15 -2.40 -10.61 -12.88
N GLN A 16 -3.01 -9.95 -13.86
CA GLN A 16 -3.13 -8.50 -13.81
C GLN A 16 -3.95 -8.09 -12.59
N PHE A 17 -5.03 -8.81 -12.33
CA PHE A 17 -5.87 -8.50 -11.18
C PHE A 17 -5.09 -8.62 -9.88
N ALA A 18 -4.38 -9.73 -9.72
CA ALA A 18 -3.60 -9.95 -8.51
C ALA A 18 -2.51 -8.89 -8.39
N LEU A 19 -1.90 -8.58 -9.52
CA LEU A 19 -0.84 -7.58 -9.55
C LEU A 19 -1.38 -6.21 -9.16
N ALA A 20 -2.59 -5.91 -9.62
CA ALA A 20 -3.20 -4.62 -9.32
C ALA A 20 -3.35 -4.44 -7.81
N LEU A 21 -3.81 -5.47 -7.13
CA LEU A 21 -3.97 -5.39 -5.67
C LEU A 21 -2.62 -5.39 -4.98
N LYS A 22 -1.72 -6.24 -5.44
CA LYS A 22 -0.41 -6.34 -4.84
C LYS A 22 0.38 -5.06 -5.07
N MET A 23 0.26 -4.50 -6.25
CA MET A 23 0.96 -3.27 -6.59
C MET A 23 0.51 -2.13 -5.68
N SER A 24 -0.80 -2.06 -5.45
CA SER A 24 -1.34 -1.00 -4.61
C SER A 24 -0.78 -1.11 -3.18
N GLU A 25 -0.67 -2.34 -2.70
CA GLU A 25 -0.16 -2.56 -1.35
C GLU A 25 1.34 -2.27 -1.29
N GLN A 26 2.07 -2.72 -2.30
CA GLN A 26 3.51 -2.49 -2.36
C GLN A 26 3.82 -1.00 -2.43
N GLU A 27 3.05 -0.28 -3.23
CA GLU A 27 3.25 1.16 -3.37
C GLU A 27 3.01 1.85 -2.03
N ALA A 28 2.01 1.39 -1.29
CA ALA A 28 1.69 1.99 0.00
C ALA A 28 2.86 1.82 0.96
N ARG A 29 3.52 0.66 0.91
CA ARG A 29 4.65 0.39 1.78
C ARG A 29 5.87 1.20 1.37
N GLU A 30 5.91 1.58 0.10
CA GLU A 30 7.03 2.36 -0.40
C GLU A 30 6.97 3.79 0.08
N VAL A 31 5.85 4.14 0.67
CA VAL A 31 5.65 5.49 1.20
C VAL A 31 6.26 5.62 2.58
N ASN A 32 6.57 6.85 2.99
CA ASN A 32 7.17 7.09 4.29
C ASN A 32 6.41 6.35 5.37
N SER A 33 7.06 6.15 6.52
CA SER A 33 6.44 5.42 7.61
C SER A 33 5.18 6.14 8.10
N GLN A 34 5.12 7.45 7.85
CA GLN A 34 3.97 8.22 8.28
C GLN A 34 2.69 7.73 7.61
N GLU A 35 2.77 7.48 6.32
CA GLU A 35 1.62 6.96 5.57
C GLU A 35 1.41 5.48 5.84
N GLU A 36 2.50 4.78 6.11
CA GLU A 36 2.44 3.35 6.36
C GLU A 36 1.59 3.05 7.59
N GLU A 37 1.66 3.93 8.58
CA GLU A 37 0.88 3.75 9.80
C GLU A 37 -0.61 3.78 9.47
N GLU A 38 -1.00 4.67 8.57
CA GLU A 38 -2.41 4.78 8.18
C GLU A 38 -2.88 3.47 7.53
N GLU A 39 -2.03 2.91 6.68
CA GLU A 39 -2.36 1.66 6.00
C GLU A 39 -2.52 0.54 7.01
N GLU A 40 -1.63 0.51 8.00
CA GLU A 40 -1.67 -0.52 9.03
C GLU A 40 -2.98 -0.45 9.81
N LEU A 41 -3.41 0.77 10.11
CA LEU A 41 -4.66 0.97 10.84
C LEU A 41 -5.83 0.44 10.03
N LEU A 42 -5.77 0.60 8.73
CA LEU A 42 -6.85 0.14 7.87
C LEU A 42 -7.02 -1.38 8.00
N ARG A 43 -5.90 -2.09 7.97
CA ARG A 43 -5.96 -3.55 8.11
C ARG A 43 -6.52 -3.93 9.47
N LYS A 44 -6.13 -3.20 10.49
CA LYS A 44 -6.60 -3.46 11.84
C LYS A 44 -8.12 -3.29 11.92
N ALA A 45 -8.62 -2.26 11.25
CA ALA A 45 -10.05 -1.98 11.26
C ALA A 45 -10.81 -3.18 10.69
N ILE A 46 -10.28 -3.77 9.64
CA ILE A 46 -10.92 -4.94 9.03
C ILE A 46 -10.97 -6.11 10.01
N ALA A 47 -9.86 -6.35 10.68
CA ALA A 47 -9.78 -7.43 11.65
C ALA A 47 -10.75 -7.20 12.80
N GLU A 48 -10.84 -5.94 13.25
CA GLU A 48 -11.73 -5.60 14.35
C GLU A 48 -13.18 -5.85 13.96
N SER A 49 -13.53 -5.55 12.72
CA SER A 49 -14.89 -5.76 12.24
C SER A 49 -15.25 -7.24 12.27
N LEU A 50 -14.30 -8.07 11.86
CA LEU A 50 -14.53 -9.52 11.84
C LEU A 50 -14.66 -10.06 13.26
N ASN A 51 -13.90 -9.48 14.17
CA ASN A 51 -13.95 -9.91 15.57
C ASN A 51 -15.11 -9.25 16.30
N SER A 52 -15.53 -8.09 15.80
CA SER A 52 -16.63 -7.36 16.42
C SER A 52 -17.97 -7.99 16.02
N CYS A 53 -17.96 -8.75 14.93
CA CYS A 53 -19.18 -9.40 14.45
C CYS A 53 -20.29 -8.38 14.21
N ARG A 54 -20.84 -8.39 13.02
CA ARG A 54 -21.93 -7.45 12.67
C ARG A 54 -23.00 -8.16 11.87
N PRO A 55 -23.56 -9.21 12.41
CA PRO A 55 -24.63 -10.00 11.74
C PRO A 55 -25.95 -9.22 11.63
N SER A 56 -26.74 -9.56 10.64
CA SER A 56 -28.03 -8.89 10.43
C SER A 56 -28.99 -9.20 11.58
N ASP A 57 -30.03 -8.39 11.70
CA ASP A 57 -31.02 -8.58 12.76
C ASP A 57 -31.64 -9.97 12.67
N ALA A 58 -32.16 -10.45 13.79
CA ALA A 58 -32.77 -11.77 13.82
C ALA A 58 -33.93 -11.85 12.83
N SER A 59 -34.51 -10.70 12.53
CA SER A 59 -35.64 -10.65 11.59
C SER A 59 -35.15 -10.85 10.16
N ALA A 60 -33.84 -10.78 9.97
CA ALA A 60 -33.25 -10.96 8.64
C ALA A 60 -33.37 -9.68 7.83
N THR A 61 -33.81 -8.61 8.47
CA THR A 61 -33.97 -7.32 7.79
C THR A 61 -32.64 -6.60 7.70
N ARG A 62 -32.54 -5.68 6.77
CA ARG A 62 -31.30 -4.90 6.58
C ARG A 62 -31.44 -3.51 7.19
N SER A 63 -30.38 -3.04 7.83
CA SER A 63 -30.39 -1.72 8.44
C SER A 63 -30.17 -0.63 7.40
N GLY A 1 15.96 -12.22 -27.26
CA GLY A 1 17.26 -12.92 -27.45
C GLY A 1 17.55 -13.79 -26.23
N PRO A 2 16.64 -14.69 -25.91
CA PRO A 2 16.80 -15.62 -24.75
C PRO A 2 17.93 -16.62 -24.96
N LEU A 3 18.56 -17.05 -23.87
CA LEU A 3 19.65 -17.99 -23.95
C LEU A 3 19.13 -19.39 -24.28
N GLY A 4 18.32 -19.48 -25.33
CA GLY A 4 17.75 -20.76 -25.73
C GLY A 4 16.51 -21.10 -24.91
N SER A 5 16.21 -20.24 -23.94
CA SER A 5 15.04 -20.45 -23.09
C SER A 5 13.76 -20.31 -23.90
N ARG A 6 12.80 -21.17 -23.61
CA ARG A 6 11.52 -21.15 -24.32
C ARG A 6 10.75 -19.87 -23.98
N LYS A 7 9.95 -19.41 -24.94
CA LYS A 7 9.16 -18.20 -24.74
C LYS A 7 8.23 -18.35 -23.55
N ILE A 8 7.89 -17.23 -22.92
CA ILE A 8 6.99 -17.25 -21.76
C ILE A 8 5.53 -17.17 -22.21
N ALA A 9 4.71 -18.05 -21.66
CA ALA A 9 3.30 -18.07 -22.00
C ALA A 9 2.63 -16.76 -21.61
N GLN A 10 1.60 -16.37 -22.36
CA GLN A 10 0.89 -15.13 -22.09
C GLN A 10 0.26 -15.16 -20.70
N MET A 11 0.22 -14.01 -20.05
CA MET A 11 -0.35 -13.93 -18.71
C MET A 11 -1.87 -13.85 -18.78
N THR A 12 -2.55 -14.53 -17.86
CA THR A 12 -4.00 -14.53 -17.83
C THR A 12 -4.51 -13.24 -17.20
N GLU A 13 -5.80 -12.98 -17.39
CA GLU A 13 -6.42 -11.78 -16.83
C GLU A 13 -6.34 -11.80 -15.31
N GLU A 14 -6.50 -12.99 -14.72
CA GLU A 14 -6.45 -13.13 -13.27
C GLU A 14 -5.08 -12.72 -12.74
N GLU A 15 -4.03 -13.14 -13.45
CA GLU A 15 -2.68 -12.80 -13.03
C GLU A 15 -2.45 -11.30 -13.10
N GLN A 16 -2.95 -10.67 -14.15
CA GLN A 16 -2.79 -9.23 -14.32
C GLN A 16 -3.51 -8.48 -13.20
N PHE A 17 -4.70 -8.95 -12.85
CA PHE A 17 -5.47 -8.32 -11.79
C PHE A 17 -4.70 -8.38 -10.48
N ALA A 18 -4.18 -9.56 -10.16
CA ALA A 18 -3.43 -9.74 -8.92
C ALA A 18 -2.23 -8.79 -8.88
N LEU A 19 -1.60 -8.60 -10.02
CA LEU A 19 -0.45 -7.72 -10.11
C LEU A 19 -0.84 -6.30 -9.71
N ALA A 20 -2.00 -5.85 -10.19
CA ALA A 20 -2.46 -4.50 -9.89
C ALA A 20 -2.63 -4.32 -8.38
N LEU A 21 -3.21 -5.32 -7.73
CA LEU A 21 -3.41 -5.26 -6.29
C LEU A 21 -2.06 -5.29 -5.57
N LYS A 22 -1.13 -6.06 -6.09
CA LYS A 22 0.19 -6.16 -5.47
C LYS A 22 0.88 -4.80 -5.49
N MET A 23 0.76 -4.08 -6.59
CA MET A 23 1.39 -2.77 -6.70
C MET A 23 0.78 -1.80 -5.69
N SER A 24 -0.54 -1.86 -5.53
CA SER A 24 -1.22 -0.98 -4.58
C SER A 24 -0.78 -1.28 -3.15
N GLU A 25 -0.59 -2.56 -2.84
CA GLU A 25 -0.17 -2.95 -1.50
C GLU A 25 1.23 -2.43 -1.21
N GLN A 26 2.11 -2.49 -2.21
CA GLN A 26 3.47 -2.02 -2.04
C GLN A 26 3.49 -0.51 -1.74
N GLU A 27 2.64 0.23 -2.43
CA GLU A 27 2.57 1.67 -2.23
C GLU A 27 2.16 1.99 -0.79
N ALA A 28 1.21 1.22 -0.26
CA ALA A 28 0.75 1.43 1.11
C ALA A 28 1.86 1.11 2.12
N ARG A 29 2.62 0.05 1.83
CA ARG A 29 3.72 -0.37 2.72
C ARG A 29 4.97 0.48 2.50
N GLU A 30 4.95 1.29 1.44
CA GLU A 30 6.08 2.15 1.13
C GLU A 30 6.11 3.35 2.08
N VAL A 31 5.21 3.35 3.05
CA VAL A 31 5.16 4.44 4.01
C VAL A 31 6.31 4.34 5.00
N ASN A 32 7.04 5.43 5.17
CA ASN A 32 8.17 5.45 6.08
C ASN A 32 7.70 5.69 7.51
N SER A 33 8.12 4.80 8.41
CA SER A 33 7.74 4.91 9.83
C SER A 33 8.36 6.16 10.46
N GLN A 34 9.40 6.67 9.82
CA GLN A 34 10.10 7.84 10.31
C GLN A 34 9.15 9.03 10.40
N GLU A 35 8.13 9.04 9.57
CA GLU A 35 7.17 10.15 9.58
C GLU A 35 6.46 10.21 10.93
N GLU A 36 6.13 9.04 11.47
CA GLU A 36 5.46 8.98 12.77
C GLU A 36 6.41 9.43 13.87
N GLU A 37 7.67 9.02 13.78
CA GLU A 37 8.65 9.39 14.79
C GLU A 37 8.84 10.90 14.82
N GLU A 38 8.91 11.50 13.63
CA GLU A 38 9.09 12.95 13.52
C GLU A 38 7.92 13.69 14.15
N GLU A 39 6.72 13.15 13.95
CA GLU A 39 5.52 13.77 14.50
C GLU A 39 5.60 13.84 16.02
N GLU A 40 6.11 12.76 16.63
CA GLU A 40 6.23 12.71 18.08
C GLU A 40 7.18 13.79 18.58
N LEU A 41 8.29 13.96 17.89
CA LEU A 41 9.28 14.98 18.28
C LEU A 41 8.67 16.37 18.16
N LEU A 42 7.91 16.59 17.10
CA LEU A 42 7.29 17.90 16.89
C LEU A 42 6.31 18.20 18.02
N ARG A 43 5.58 17.19 18.46
CA ARG A 43 4.63 17.38 19.55
C ARG A 43 5.38 17.78 20.81
N LYS A 44 6.51 17.12 21.03
CA LYS A 44 7.34 17.40 22.20
C LYS A 44 7.88 18.83 22.16
N ALA A 45 8.33 19.25 20.98
CA ALA A 45 8.88 20.60 20.81
C ALA A 45 7.83 21.65 21.16
N ILE A 46 6.60 21.40 20.73
CA ILE A 46 5.51 22.34 21.00
C ILE A 46 5.27 22.45 22.50
N ALA A 47 5.28 21.31 23.19
CA ALA A 47 5.06 21.31 24.64
C ALA A 47 6.14 22.10 25.34
N GLU A 48 7.38 21.97 24.87
CA GLU A 48 8.49 22.69 25.47
C GLU A 48 8.30 24.20 25.31
N SER A 49 7.81 24.61 24.15
CA SER A 49 7.58 26.03 23.88
C SER A 49 6.55 26.59 24.85
N LEU A 50 5.51 25.82 25.11
CA LEU A 50 4.46 26.26 26.01
C LEU A 50 4.99 26.35 27.44
N ASN A 51 5.89 25.44 27.79
CA ASN A 51 6.47 25.44 29.13
C ASN A 51 7.41 26.62 29.30
N SER A 52 8.00 27.08 28.19
CA SER A 52 8.92 28.22 28.22
C SER A 52 8.17 29.52 27.95
N CYS A 53 6.90 29.40 27.59
CA CYS A 53 6.09 30.58 27.32
C CYS A 53 5.96 31.45 28.56
N ARG A 54 6.69 32.56 28.58
CA ARG A 54 6.65 33.48 29.70
C ARG A 54 5.44 34.41 29.58
N PRO A 55 5.10 34.84 28.37
CA PRO A 55 3.92 35.75 28.14
C PRO A 55 2.61 35.14 28.64
N SER A 56 1.68 36.01 29.00
CA SER A 56 0.39 35.55 29.50
C SER A 56 -0.32 34.70 28.45
N ASP A 57 -1.02 33.68 28.90
CA ASP A 57 -1.74 32.78 28.00
C ASP A 57 -2.89 33.52 27.32
N ALA A 58 -3.20 33.11 26.09
CA ALA A 58 -4.28 33.73 25.34
C ALA A 58 -5.61 33.52 26.06
N SER A 59 -5.67 32.50 26.90
CA SER A 59 -6.89 32.20 27.64
C SER A 59 -7.12 33.21 28.76
N ALA A 60 -6.08 33.97 29.07
CA ALA A 60 -6.17 34.98 30.13
C ALA A 60 -6.07 34.33 31.50
N THR A 61 -5.24 33.29 31.61
CA THR A 61 -5.06 32.60 32.88
C THR A 61 -4.22 33.43 33.82
N ARG A 62 -4.71 33.61 35.05
CA ARG A 62 -4.01 34.40 36.05
C ARG A 62 -3.10 33.51 36.88
N SER A 63 -1.87 33.96 37.09
CA SER A 63 -0.90 33.19 37.88
C SER A 63 -0.79 31.76 37.33
N GLY A 1 25.86 -19.04 -19.38
CA GLY A 1 25.67 -17.57 -19.59
C GLY A 1 24.22 -17.20 -19.27
N PRO A 2 23.96 -15.94 -19.02
CA PRO A 2 22.59 -15.45 -18.68
C PRO A 2 21.62 -15.62 -19.86
N LEU A 3 22.17 -15.67 -21.07
CA LEU A 3 21.37 -15.81 -22.26
C LEU A 3 21.00 -17.29 -22.48
N GLY A 4 19.95 -17.53 -23.25
CA GLY A 4 19.50 -18.88 -23.54
C GLY A 4 18.46 -19.34 -22.52
N SER A 5 18.05 -18.43 -21.64
CA SER A 5 17.05 -18.75 -20.64
C SER A 5 15.68 -18.93 -21.28
N ARG A 6 14.78 -19.62 -20.58
CA ARG A 6 13.45 -19.87 -21.10
C ARG A 6 12.67 -18.56 -21.20
N LYS A 7 11.89 -18.43 -22.26
CA LYS A 7 11.09 -17.23 -22.47
C LYS A 7 9.89 -17.21 -21.53
N ILE A 8 9.48 -16.01 -21.12
CA ILE A 8 8.34 -15.87 -20.22
C ILE A 8 7.04 -15.85 -21.01
N ALA A 9 6.13 -16.74 -20.65
CA ALA A 9 4.84 -16.83 -21.33
C ALA A 9 3.96 -15.63 -20.95
N GLN A 10 2.98 -15.35 -21.78
CA GLN A 10 2.08 -14.23 -21.54
C GLN A 10 1.31 -14.44 -20.25
N MET A 11 0.99 -13.35 -19.55
CA MET A 11 0.26 -13.44 -18.29
C MET A 11 -1.24 -13.45 -18.55
N THR A 12 -1.97 -14.22 -17.75
CA THR A 12 -3.41 -14.31 -17.90
C THR A 12 -4.09 -13.08 -17.29
N GLU A 13 -5.37 -12.90 -17.61
CA GLU A 13 -6.11 -11.77 -17.08
C GLU A 13 -6.16 -11.82 -15.56
N GLU A 14 -6.21 -13.03 -15.00
CA GLU A 14 -6.25 -13.19 -13.56
C GLU A 14 -4.95 -12.69 -12.93
N GLU A 15 -3.83 -12.99 -13.57
CA GLU A 15 -2.54 -12.56 -13.07
C GLU A 15 -2.42 -11.05 -13.11
N GLN A 16 -2.95 -10.45 -14.17
CA GLN A 16 -2.89 -8.99 -14.32
C GLN A 16 -3.61 -8.32 -13.17
N PHE A 17 -4.78 -8.85 -12.82
CA PHE A 17 -5.57 -8.29 -11.72
C PHE A 17 -4.80 -8.40 -10.41
N ALA A 18 -4.21 -9.57 -10.17
CA ALA A 18 -3.45 -9.80 -8.95
C ALA A 18 -2.28 -8.84 -8.85
N LEU A 19 -1.62 -8.60 -9.99
CA LEU A 19 -0.48 -7.70 -10.02
C LEU A 19 -0.90 -6.29 -9.63
N ALA A 20 -2.06 -5.87 -10.09
CA ALA A 20 -2.55 -4.54 -9.78
C ALA A 20 -2.72 -4.38 -8.28
N LEU A 21 -3.26 -5.41 -7.64
CA LEU A 21 -3.47 -5.38 -6.19
C LEU A 21 -2.14 -5.33 -5.46
N LYS A 22 -1.16 -6.06 -5.98
CA LYS A 22 0.16 -6.10 -5.37
C LYS A 22 0.81 -4.72 -5.41
N MET A 23 0.65 -4.02 -6.52
CA MET A 23 1.23 -2.69 -6.65
C MET A 23 0.62 -1.74 -5.63
N SER A 24 -0.69 -1.85 -5.42
CA SER A 24 -1.37 -1.00 -4.46
C SER A 24 -0.84 -1.24 -3.06
N GLU A 25 -0.60 -2.51 -2.73
CA GLU A 25 -0.09 -2.87 -1.42
C GLU A 25 1.31 -2.30 -1.22
N GLN A 26 2.13 -2.37 -2.27
CA GLN A 26 3.49 -1.86 -2.19
C GLN A 26 3.49 -0.36 -1.92
N GLU A 27 2.58 0.36 -2.57
CA GLU A 27 2.49 1.80 -2.38
C GLU A 27 2.18 2.13 -0.92
N ALA A 28 1.27 1.36 -0.33
CA ALA A 28 0.90 1.57 1.06
C ALA A 28 2.06 1.25 1.98
N ARG A 29 2.80 0.19 1.65
CA ARG A 29 3.94 -0.22 2.45
C ARG A 29 5.05 0.81 2.39
N GLU A 30 5.08 1.57 1.30
CA GLU A 30 6.10 2.60 1.13
C GLU A 30 5.80 3.80 2.00
N VAL A 31 4.74 3.71 2.78
CA VAL A 31 4.36 4.79 3.68
C VAL A 31 5.21 4.75 4.95
N ASN A 32 5.82 5.88 5.29
CA ASN A 32 6.65 5.95 6.49
C ASN A 32 5.79 6.24 7.72
N SER A 33 5.82 5.34 8.68
CA SER A 33 5.07 5.49 9.92
C SER A 33 5.76 6.49 10.85
N GLN A 34 7.05 6.69 10.63
CA GLN A 34 7.83 7.60 11.46
C GLN A 34 7.28 9.02 11.36
N GLU A 35 6.80 9.38 10.18
CA GLU A 35 6.27 10.72 9.98
C GLU A 35 5.08 10.96 10.90
N GLU A 36 4.20 9.97 11.01
CA GLU A 36 3.03 10.09 11.87
C GLU A 36 3.46 10.15 13.34
N GLU A 37 4.44 9.34 13.69
CA GLU A 37 4.95 9.30 15.05
C GLU A 37 5.59 10.64 15.42
N GLU A 38 6.31 11.22 14.47
CA GLU A 38 6.98 12.49 14.72
C GLU A 38 5.96 13.57 15.09
N GLU A 39 4.84 13.59 14.38
CA GLU A 39 3.80 14.58 14.67
C GLU A 39 3.26 14.37 16.09
N GLU A 40 3.05 13.11 16.46
CA GLU A 40 2.55 12.78 17.78
C GLU A 40 3.53 13.23 18.86
N LEU A 41 4.80 12.97 18.63
CA LEU A 41 5.83 13.34 19.59
C LEU A 41 5.90 14.86 19.72
N LEU A 42 5.75 15.55 18.61
CA LEU A 42 5.81 17.01 18.62
C LEU A 42 4.69 17.58 19.49
N ARG A 43 3.49 17.02 19.33
CA ARG A 43 2.35 17.50 20.10
C ARG A 43 2.59 17.28 21.60
N LYS A 44 3.14 16.13 21.94
CA LYS A 44 3.42 15.81 23.33
C LYS A 44 4.45 16.77 23.90
N ALA A 45 5.48 17.06 23.12
CA ALA A 45 6.53 17.96 23.57
C ALA A 45 5.97 19.33 23.90
N ILE A 46 5.04 19.79 23.06
CA ILE A 46 4.42 21.09 23.28
C ILE A 46 3.65 21.11 24.59
N ALA A 47 2.87 20.06 24.83
CA ALA A 47 2.08 19.96 26.05
C ALA A 47 2.98 19.96 27.28
N GLU A 48 4.09 19.24 27.18
CA GLU A 48 5.04 19.17 28.29
C GLU A 48 5.63 20.54 28.58
N SER A 49 5.90 21.30 27.53
CA SER A 49 6.49 22.63 27.69
C SER A 49 5.52 23.54 28.46
N LEU A 50 4.24 23.43 28.14
CA LEU A 50 3.22 24.25 28.81
C LEU A 50 2.98 23.74 30.23
N ASN A 51 3.08 22.43 30.42
CA ASN A 51 2.87 21.84 31.72
C ASN A 51 4.01 22.19 32.67
N SER A 52 5.18 22.46 32.10
CA SER A 52 6.35 22.81 32.90
C SER A 52 6.35 24.31 33.22
N CYS A 53 5.48 25.06 32.54
CA CYS A 53 5.37 26.49 32.75
C CYS A 53 4.31 26.81 33.79
N ARG A 54 3.72 28.00 33.68
CA ARG A 54 2.70 28.40 34.64
C ARG A 54 1.49 27.46 34.57
N PRO A 55 0.82 27.25 35.68
CA PRO A 55 -0.37 26.35 35.75
C PRO A 55 -1.56 26.91 34.97
N SER A 56 -2.35 26.02 34.39
CA SER A 56 -3.52 26.43 33.62
C SER A 56 -4.66 26.81 34.56
N ASP A 57 -5.45 27.79 34.14
CA ASP A 57 -6.59 28.23 34.96
C ASP A 57 -7.67 27.15 35.00
N ALA A 58 -8.19 26.90 36.20
CA ALA A 58 -9.24 25.89 36.37
C ALA A 58 -10.51 26.32 35.64
N SER A 59 -10.77 27.60 35.63
CA SER A 59 -11.96 28.14 34.96
C SER A 59 -11.78 28.12 33.45
N ALA A 60 -10.53 28.01 33.01
CA ALA A 60 -10.23 27.99 31.58
C ALA A 60 -10.26 29.40 31.01
N THR A 61 -10.09 30.40 31.88
CA THR A 61 -10.11 31.78 31.45
C THR A 61 -8.77 32.16 30.82
N ARG A 62 -8.82 32.78 29.64
CA ARG A 62 -7.61 33.18 28.95
C ARG A 62 -7.05 34.46 29.56
N SER A 63 -5.75 34.44 29.86
CA SER A 63 -5.10 35.60 30.45
C SER A 63 -3.59 35.53 30.25
N GLY A 1 27.45 -19.55 -22.61
CA GLY A 1 27.07 -19.35 -24.03
C GLY A 1 25.71 -19.99 -24.29
N PRO A 2 25.68 -21.29 -24.36
CA PRO A 2 24.40 -22.06 -24.61
C PRO A 2 23.48 -22.01 -23.40
N LEU A 3 22.17 -22.13 -23.66
CA LEU A 3 21.18 -22.11 -22.58
C LEU A 3 19.91 -22.84 -23.01
N GLY A 4 19.21 -22.27 -23.99
CA GLY A 4 17.98 -22.89 -24.48
C GLY A 4 16.85 -22.74 -23.47
N SER A 5 16.85 -21.64 -22.72
CA SER A 5 15.80 -21.42 -21.72
C SER A 5 14.46 -21.20 -22.40
N ARG A 6 13.39 -21.47 -21.66
CA ARG A 6 12.04 -21.30 -22.18
C ARG A 6 11.66 -19.83 -22.23
N LYS A 7 10.85 -19.48 -23.23
CA LYS A 7 10.41 -18.10 -23.40
C LYS A 7 9.29 -17.78 -22.41
N ILE A 8 9.16 -16.51 -22.05
CA ILE A 8 8.14 -16.10 -21.10
C ILE A 8 6.78 -16.07 -21.78
N ALA A 9 5.82 -16.79 -21.20
CA ALA A 9 4.47 -16.85 -21.76
C ALA A 9 3.66 -15.63 -21.35
N GLN A 10 2.59 -15.36 -22.08
CA GLN A 10 1.74 -14.22 -21.79
C GLN A 10 1.01 -14.43 -20.46
N MET A 11 0.80 -13.35 -19.72
CA MET A 11 0.13 -13.42 -18.43
C MET A 11 -1.38 -13.43 -18.63
N THR A 12 -2.08 -14.21 -17.80
CA THR A 12 -3.54 -14.29 -17.90
C THR A 12 -4.18 -13.05 -17.29
N GLU A 13 -5.46 -12.86 -17.57
CA GLU A 13 -6.19 -11.70 -17.06
C GLU A 13 -6.22 -11.71 -15.53
N GLU A 14 -6.40 -12.90 -14.96
CA GLU A 14 -6.44 -13.03 -13.51
C GLU A 14 -5.11 -12.61 -12.90
N GLU A 15 -4.01 -13.00 -13.54
CA GLU A 15 -2.69 -12.65 -13.05
C GLU A 15 -2.49 -11.14 -13.08
N GLN A 16 -2.98 -10.49 -14.13
CA GLN A 16 -2.84 -9.04 -14.25
C GLN A 16 -3.55 -8.34 -13.10
N PHE A 17 -4.74 -8.83 -12.77
CA PHE A 17 -5.51 -8.24 -11.68
C PHE A 17 -4.76 -8.36 -10.36
N ALA A 18 -4.21 -9.55 -10.09
CA ALA A 18 -3.47 -9.77 -8.85
C ALA A 18 -2.28 -8.84 -8.75
N LEU A 19 -1.61 -8.62 -9.87
CA LEU A 19 -0.46 -7.73 -9.90
C LEU A 19 -0.89 -6.32 -9.53
N ALA A 20 -2.08 -5.92 -10.01
CA ALA A 20 -2.59 -4.59 -9.72
C ALA A 20 -2.77 -4.40 -8.22
N LEU A 21 -3.29 -5.41 -7.54
CA LEU A 21 -3.48 -5.35 -6.09
C LEU A 21 -2.13 -5.33 -5.38
N LYS A 22 -1.19 -6.10 -5.91
CA LYS A 22 0.14 -6.18 -5.30
C LYS A 22 0.81 -4.81 -5.35
N MET A 23 0.65 -4.12 -6.47
CA MET A 23 1.23 -2.79 -6.62
C MET A 23 0.61 -1.81 -5.63
N SER A 24 -0.70 -1.92 -5.43
CA SER A 24 -1.39 -1.05 -4.49
C SER A 24 -0.84 -1.26 -3.09
N GLU A 25 -0.59 -2.51 -2.74
CA GLU A 25 -0.05 -2.83 -1.42
C GLU A 25 1.35 -2.23 -1.26
N GLN A 26 2.13 -2.29 -2.32
CA GLN A 26 3.48 -1.73 -2.30
C GLN A 26 3.43 -0.23 -2.04
N GLU A 27 2.46 0.44 -2.65
CA GLU A 27 2.33 1.88 -2.47
C GLU A 27 2.07 2.21 -1.01
N ALA A 28 1.20 1.45 -0.37
CA ALA A 28 0.88 1.66 1.04
C ALA A 28 2.10 1.41 1.91
N ARG A 29 2.87 0.38 1.56
CA ARG A 29 4.07 0.01 2.32
C ARG A 29 5.15 1.08 2.15
N GLU A 30 5.07 1.85 1.08
CA GLU A 30 6.04 2.92 0.83
C GLU A 30 5.80 4.11 1.73
N VAL A 31 4.74 4.03 2.50
CA VAL A 31 4.40 5.11 3.42
C VAL A 31 5.33 5.09 4.62
N ASN A 32 5.89 6.24 4.98
CA ASN A 32 6.81 6.31 6.10
C ASN A 32 6.03 6.35 7.42
N SER A 33 6.23 5.32 8.24
CA SER A 33 5.56 5.24 9.53
C SER A 33 6.25 6.15 10.55
N GLN A 34 7.52 6.43 10.30
CA GLN A 34 8.29 7.28 11.20
C GLN A 34 7.70 8.69 11.25
N GLU A 35 7.24 9.18 10.12
CA GLU A 35 6.66 10.51 10.06
C GLU A 35 5.43 10.59 10.97
N GLU A 36 4.60 9.56 10.92
CA GLU A 36 3.41 9.53 11.76
C GLU A 36 3.80 9.50 13.24
N GLU A 37 4.80 8.68 13.57
CA GLU A 37 5.25 8.57 14.95
C GLU A 37 5.82 9.90 15.45
N GLU A 38 6.58 10.58 14.59
CA GLU A 38 7.17 11.85 14.97
C GLU A 38 6.08 12.88 15.27
N GLU A 39 5.02 12.86 14.47
CA GLU A 39 3.93 13.79 14.67
C GLU A 39 3.28 13.57 16.04
N GLU A 40 3.11 12.29 16.40
CA GLU A 40 2.50 11.96 17.67
C GLU A 40 3.40 12.40 18.84
N LEU A 41 4.70 12.19 18.69
CA LEU A 41 5.65 12.56 19.74
C LEU A 41 5.66 14.08 19.90
N LEU A 42 5.60 14.79 18.79
CA LEU A 42 5.62 16.24 18.82
C LEU A 42 4.41 16.77 19.57
N ARG A 43 3.25 16.18 19.31
CA ARG A 43 2.03 16.62 19.97
C ARG A 43 2.14 16.39 21.47
N LYS A 44 2.69 15.25 21.85
CA LYS A 44 2.85 14.92 23.27
C LYS A 44 3.80 15.90 23.95
N ALA A 45 4.85 16.30 23.24
CA ALA A 45 5.83 17.22 23.80
C ALA A 45 5.16 18.54 24.16
N ILE A 46 4.27 19.01 23.30
CA ILE A 46 3.57 20.27 23.55
C ILE A 46 2.60 20.10 24.72
N ALA A 47 1.89 18.98 24.75
CA ALA A 47 0.93 18.71 25.81
C ALA A 47 1.64 18.66 27.16
N GLU A 48 2.81 18.01 27.18
CA GLU A 48 3.57 17.90 28.42
C GLU A 48 4.02 19.27 28.91
N SER A 49 4.42 20.13 27.97
CA SER A 49 4.86 21.47 28.34
C SER A 49 3.73 22.25 28.96
N LEU A 50 2.53 22.11 28.40
CA LEU A 50 1.36 22.81 28.92
C LEU A 50 0.93 22.21 30.26
N ASN A 51 1.07 20.89 30.39
CA ASN A 51 0.69 20.22 31.64
C ASN A 51 1.63 20.60 32.77
N SER A 52 2.87 20.94 32.43
CA SER A 52 3.85 21.33 33.43
C SER A 52 3.79 22.83 33.70
N CYS A 53 2.96 23.52 32.93
CA CYS A 53 2.79 24.96 33.10
C CYS A 53 4.13 25.69 32.98
N ARG A 54 4.89 25.39 31.93
CA ARG A 54 6.17 26.06 31.72
C ARG A 54 7.00 26.05 33.01
N PRO A 55 7.63 24.95 33.35
CA PRO A 55 8.43 24.84 34.61
C PRO A 55 9.70 25.69 34.55
N SER A 56 10.14 26.14 35.71
CA SER A 56 11.35 26.96 35.79
C SER A 56 12.59 26.13 35.48
N ASP A 57 13.67 26.81 35.16
CA ASP A 57 14.91 26.13 34.84
C ASP A 57 15.44 25.37 36.06
N ALA A 58 16.35 24.44 35.83
CA ALA A 58 16.91 23.63 36.91
C ALA A 58 17.60 24.53 37.93
N SER A 59 17.82 25.79 37.55
CA SER A 59 18.48 26.74 38.44
C SER A 59 17.54 27.16 39.57
N ALA A 60 16.25 26.99 39.35
CA ALA A 60 15.25 27.35 40.36
C ALA A 60 15.00 28.85 40.37
N THR A 61 15.20 29.49 39.22
CA THR A 61 14.99 30.93 39.10
C THR A 61 13.56 31.22 38.66
N ARG A 62 13.04 32.38 39.07
CA ARG A 62 11.68 32.78 38.73
C ARG A 62 11.70 33.74 37.54
N SER A 63 10.94 33.40 36.50
CA SER A 63 10.88 34.24 35.31
C SER A 63 12.27 34.50 34.77
N GLY A 1 14.69 -22.96 -15.18
CA GLY A 1 15.50 -22.35 -14.09
C GLY A 1 16.11 -21.05 -14.59
N PRO A 2 17.05 -20.50 -13.86
CA PRO A 2 17.73 -19.23 -14.22
C PRO A 2 18.30 -19.26 -15.65
N LEU A 3 18.84 -20.41 -16.03
CA LEU A 3 19.42 -20.58 -17.37
C LEU A 3 18.50 -21.43 -18.24
N GLY A 4 18.35 -21.04 -19.49
CA GLY A 4 17.49 -21.78 -20.41
C GLY A 4 16.02 -21.62 -20.03
N SER A 5 15.69 -20.44 -19.50
CA SER A 5 14.32 -20.17 -19.09
C SER A 5 13.37 -20.27 -20.28
N ARG A 6 12.19 -20.82 -20.03
CA ARG A 6 11.18 -20.96 -21.08
C ARG A 6 10.62 -19.60 -21.48
N LYS A 7 10.10 -19.52 -22.70
CA LYS A 7 9.56 -18.27 -23.21
C LYS A 7 8.39 -17.83 -22.34
N ILE A 8 8.17 -16.53 -22.26
CA ILE A 8 7.10 -15.98 -21.45
C ILE A 8 5.75 -16.22 -22.12
N ALA A 9 4.83 -16.83 -21.39
CA ALA A 9 3.50 -17.12 -21.91
C ALA A 9 2.58 -15.92 -21.73
N GLN A 10 1.41 -15.98 -22.36
CA GLN A 10 0.46 -14.89 -22.26
C GLN A 10 -0.05 -14.74 -20.84
N MET A 11 -0.22 -13.50 -20.40
CA MET A 11 -0.69 -13.23 -19.04
C MET A 11 -2.20 -13.40 -18.98
N THR A 12 -2.66 -14.13 -17.96
CA THR A 12 -4.10 -14.35 -17.78
C THR A 12 -4.76 -13.12 -17.18
N GLU A 13 -6.08 -13.07 -17.25
CA GLU A 13 -6.82 -11.94 -16.70
C GLU A 13 -6.61 -11.83 -15.19
N GLU A 14 -6.63 -12.97 -14.51
CA GLU A 14 -6.43 -12.99 -13.07
C GLU A 14 -5.01 -12.53 -12.71
N GLU A 15 -4.03 -12.96 -13.50
CA GLU A 15 -2.65 -12.59 -13.24
C GLU A 15 -2.46 -11.08 -13.34
N GLN A 16 -3.08 -10.47 -14.35
CA GLN A 16 -2.98 -9.04 -14.53
C GLN A 16 -3.58 -8.31 -13.34
N PHE A 17 -4.72 -8.82 -12.87
CA PHE A 17 -5.40 -8.21 -11.72
C PHE A 17 -4.53 -8.31 -10.48
N ALA A 18 -3.89 -9.46 -10.29
CA ALA A 18 -3.02 -9.66 -9.14
C ALA A 18 -1.88 -8.65 -9.13
N LEU A 19 -1.35 -8.37 -10.31
CA LEU A 19 -0.26 -7.40 -10.43
C LEU A 19 -0.73 -6.02 -9.99
N ALA A 20 -1.95 -5.67 -10.35
CA ALA A 20 -2.49 -4.37 -9.99
C ALA A 20 -2.58 -4.23 -8.47
N LEU A 21 -3.02 -5.30 -7.80
CA LEU A 21 -3.13 -5.29 -6.35
C LEU A 21 -1.75 -5.28 -5.72
N LYS A 22 -0.79 -5.95 -6.36
CA LYS A 22 0.55 -6.03 -5.83
C LYS A 22 1.18 -4.63 -5.76
N MET A 23 0.96 -3.84 -6.80
CA MET A 23 1.51 -2.49 -6.84
C MET A 23 0.86 -1.61 -5.76
N SER A 24 -0.45 -1.77 -5.62
CA SER A 24 -1.20 -1.00 -4.63
C SER A 24 -0.79 -1.42 -3.22
N GLU A 25 -0.55 -2.71 -3.03
CA GLU A 25 -0.18 -3.21 -1.72
C GLU A 25 1.15 -2.62 -1.28
N GLN A 26 2.10 -2.52 -2.21
CA GLN A 26 3.41 -1.97 -1.88
C GLN A 26 3.28 -0.51 -1.45
N GLU A 27 2.47 0.25 -2.18
CA GLU A 27 2.25 1.66 -1.88
C GLU A 27 1.53 1.82 -0.55
N ALA A 28 0.78 0.80 -0.16
CA ALA A 28 0.05 0.84 1.09
C ALA A 28 1.00 0.99 2.26
N ARG A 29 2.19 0.40 2.14
CA ARG A 29 3.18 0.50 3.21
C ARG A 29 3.65 1.94 3.39
N GLU A 30 3.56 2.73 2.32
CA GLU A 30 4.00 4.13 2.38
C GLU A 30 2.83 5.03 2.78
N VAL A 31 1.63 4.48 2.68
CA VAL A 31 0.42 5.21 3.04
C VAL A 31 0.17 5.14 4.54
N ASN A 32 -0.26 6.25 5.12
CA ASN A 32 -0.54 6.30 6.55
C ASN A 32 -1.52 5.20 6.94
N SER A 33 -1.44 4.75 8.19
CA SER A 33 -2.32 3.68 8.66
C SER A 33 -3.78 4.09 8.54
N GLN A 34 -4.08 5.33 8.93
CA GLN A 34 -5.45 5.83 8.84
C GLN A 34 -5.91 5.90 7.39
N GLU A 35 -5.03 6.39 6.52
CA GLU A 35 -5.35 6.50 5.10
C GLU A 35 -5.45 5.12 4.46
N GLU A 36 -4.57 4.21 4.87
CA GLU A 36 -4.56 2.86 4.33
C GLU A 36 -5.87 2.15 4.66
N GLU A 37 -6.34 2.32 5.88
CA GLU A 37 -7.60 1.69 6.29
C GLU A 37 -8.74 2.20 5.44
N GLU A 38 -8.78 3.51 5.22
CA GLU A 38 -9.86 4.11 4.42
C GLU A 38 -9.80 3.58 2.98
N GLU A 39 -8.61 3.53 2.43
CA GLU A 39 -8.43 3.03 1.06
C GLU A 39 -8.79 1.56 0.97
N GLU A 40 -8.45 0.81 2.01
CA GLU A 40 -8.75 -0.62 2.03
C GLU A 40 -10.25 -0.86 1.97
N LEU A 41 -11.00 -0.06 2.71
CA LEU A 41 -12.46 -0.20 2.73
C LEU A 41 -13.03 0.08 1.35
N LEU A 42 -12.50 1.09 0.67
CA LEU A 42 -12.97 1.43 -0.66
C LEU A 42 -12.60 0.34 -1.67
N ARG A 43 -11.38 -0.19 -1.55
CA ARG A 43 -10.93 -1.23 -2.46
C ARG A 43 -11.82 -2.46 -2.34
N LYS A 44 -12.18 -2.80 -1.11
CA LYS A 44 -13.03 -3.96 -0.87
C LYS A 44 -14.40 -3.75 -1.51
N ALA A 45 -14.91 -2.53 -1.43
CA ALA A 45 -16.21 -2.22 -1.99
C ALA A 45 -16.24 -2.50 -3.49
N ILE A 46 -15.15 -2.15 -4.17
CA ILE A 46 -15.07 -2.38 -5.61
C ILE A 46 -15.07 -3.88 -5.91
N ALA A 47 -14.28 -4.62 -5.15
CA ALA A 47 -14.21 -6.07 -5.34
C ALA A 47 -15.56 -6.72 -5.09
N GLU A 48 -16.24 -6.26 -4.04
CA GLU A 48 -17.56 -6.80 -3.70
C GLU A 48 -18.57 -6.50 -4.79
N SER A 49 -18.51 -5.29 -5.35
CA SER A 49 -19.43 -4.90 -6.40
C SER A 49 -19.24 -5.75 -7.64
N LEU A 50 -17.98 -6.05 -7.97
CA LEU A 50 -17.68 -6.86 -9.14
C LEU A 50 -18.10 -8.32 -8.93
N ASN A 51 -17.96 -8.80 -7.69
CA ASN A 51 -18.33 -10.17 -7.37
C ASN A 51 -19.83 -10.28 -7.15
N SER A 52 -20.46 -9.17 -6.74
CA SER A 52 -21.90 -9.14 -6.50
C SER A 52 -22.62 -8.49 -7.67
N CYS A 53 -21.87 -8.21 -8.73
CA CYS A 53 -22.46 -7.58 -9.91
C CYS A 53 -23.73 -8.30 -10.30
N ARG A 54 -24.56 -7.65 -11.11
CA ARG A 54 -25.82 -8.27 -11.55
C ARG A 54 -26.06 -7.99 -13.05
N PRO A 55 -26.36 -9.00 -13.84
CA PRO A 55 -26.61 -8.81 -15.30
C PRO A 55 -27.90 -8.03 -15.58
N SER A 56 -27.90 -7.27 -16.66
CA SER A 56 -29.06 -6.47 -17.03
C SER A 56 -30.24 -7.38 -17.36
N ASP A 57 -31.44 -6.95 -17.01
CA ASP A 57 -32.64 -7.73 -17.28
C ASP A 57 -32.97 -7.71 -18.77
N ALA A 58 -33.50 -8.82 -19.28
CA ALA A 58 -33.86 -8.90 -20.68
C ALA A 58 -34.95 -7.89 -21.02
N SER A 59 -35.84 -7.65 -20.08
CA SER A 59 -36.93 -6.69 -20.29
C SER A 59 -36.43 -5.26 -20.09
N ALA A 60 -35.29 -5.12 -19.44
CA ALA A 60 -34.70 -3.80 -19.18
C ALA A 60 -35.40 -3.14 -18.00
N THR A 61 -36.01 -3.94 -17.14
CA THR A 61 -36.71 -3.41 -15.97
C THR A 61 -35.71 -3.01 -14.88
N ARG A 62 -35.89 -1.82 -14.34
CA ARG A 62 -35.00 -1.32 -13.29
C ARG A 62 -35.34 -1.98 -11.96
N SER A 63 -34.30 -2.33 -11.21
CA SER A 63 -34.48 -2.97 -9.91
C SER A 63 -33.31 -2.64 -8.98
N GLY A 1 20.47 -15.15 -36.68
CA GLY A 1 21.05 -14.09 -35.80
C GLY A 1 19.97 -13.05 -35.49
N PRO A 2 19.60 -12.25 -36.46
CA PRO A 2 18.57 -11.20 -36.29
C PRO A 2 17.17 -11.80 -36.16
N LEU A 3 16.31 -11.11 -35.43
CA LEU A 3 14.94 -11.57 -35.24
C LEU A 3 14.92 -13.02 -34.78
N GLY A 4 13.83 -13.72 -35.09
CA GLY A 4 13.71 -15.12 -34.71
C GLY A 4 13.25 -15.26 -33.27
N SER A 5 12.98 -14.12 -32.62
CA SER A 5 12.53 -14.12 -31.24
C SER A 5 11.17 -14.80 -31.12
N ARG A 6 10.97 -15.52 -30.02
CA ARG A 6 9.70 -16.22 -29.79
C ARG A 6 8.59 -15.23 -29.47
N LYS A 7 7.37 -15.61 -29.78
CA LYS A 7 6.21 -14.75 -29.52
C LYS A 7 6.01 -14.59 -28.02
N ILE A 8 5.47 -13.43 -27.63
CA ILE A 8 5.23 -13.16 -26.22
C ILE A 8 3.83 -13.60 -25.82
N ALA A 9 3.74 -14.42 -24.79
CA ALA A 9 2.45 -14.92 -24.32
C ALA A 9 1.72 -13.84 -23.53
N GLN A 10 0.41 -13.77 -23.71
CA GLN A 10 -0.40 -12.78 -23.01
C GLN A 10 -0.76 -13.28 -21.61
N MET A 11 -0.68 -12.39 -20.62
CA MET A 11 -0.99 -12.76 -19.25
C MET A 11 -2.50 -12.90 -19.07
N THR A 12 -2.90 -13.81 -18.18
CA THR A 12 -4.32 -14.05 -17.93
C THR A 12 -4.93 -12.86 -17.21
N GLU A 13 -6.26 -12.74 -17.28
CA GLU A 13 -6.95 -11.63 -16.63
C GLU A 13 -6.74 -11.69 -15.12
N GLU A 14 -6.82 -12.89 -14.56
CA GLU A 14 -6.62 -13.07 -13.13
C GLU A 14 -5.21 -12.68 -12.73
N GLU A 15 -4.23 -13.11 -13.53
CA GLU A 15 -2.83 -12.82 -13.23
C GLU A 15 -2.59 -11.31 -13.27
N GLN A 16 -3.15 -10.66 -14.28
CA GLN A 16 -2.97 -9.21 -14.42
C GLN A 16 -3.57 -8.49 -13.22
N PHE A 17 -4.74 -8.94 -12.78
CA PHE A 17 -5.41 -8.33 -11.64
C PHE A 17 -4.54 -8.49 -10.38
N ALA A 18 -4.02 -9.69 -10.17
CA ALA A 18 -3.19 -9.96 -9.01
C ALA A 18 -1.97 -9.04 -8.99
N LEU A 19 -1.40 -8.81 -10.18
CA LEU A 19 -0.23 -7.96 -10.28
C LEU A 19 -0.56 -6.54 -9.80
N ALA A 20 -1.73 -6.05 -10.19
CA ALA A 20 -2.15 -4.70 -9.79
C ALA A 20 -2.23 -4.60 -8.28
N LEU A 21 -2.73 -5.65 -7.65
CA LEU A 21 -2.85 -5.66 -6.19
C LEU A 21 -1.48 -5.57 -5.54
N LYS A 22 -0.50 -6.22 -6.15
CA LYS A 22 0.85 -6.22 -5.59
C LYS A 22 1.42 -4.80 -5.58
N MET A 23 1.17 -4.06 -6.65
CA MET A 23 1.65 -2.68 -6.73
C MET A 23 0.96 -1.81 -5.69
N SER A 24 -0.34 -2.03 -5.52
CA SER A 24 -1.12 -1.27 -4.55
C SER A 24 -0.65 -1.56 -3.13
N GLU A 25 -0.29 -2.82 -2.88
CA GLU A 25 0.16 -3.22 -1.55
C GLU A 25 1.42 -2.47 -1.17
N GLN A 26 2.37 -2.37 -2.10
CA GLN A 26 3.61 -1.66 -1.84
C GLN A 26 3.33 -0.18 -1.59
N GLU A 27 2.47 0.41 -2.42
CA GLU A 27 2.13 1.82 -2.28
C GLU A 27 1.31 2.04 -1.02
N ALA A 28 0.45 1.07 -0.70
CA ALA A 28 -0.40 1.17 0.49
C ALA A 28 0.46 1.23 1.75
N ARG A 29 1.60 0.55 1.72
CA ARG A 29 2.49 0.54 2.88
C ARG A 29 3.01 1.93 3.17
N GLU A 30 3.06 2.77 2.14
CA GLU A 30 3.54 4.14 2.31
C GLU A 30 2.42 5.03 2.84
N VAL A 31 1.20 4.53 2.79
CA VAL A 31 0.04 5.28 3.26
C VAL A 31 -0.11 5.15 4.78
N ASN A 32 -0.56 6.22 5.41
CA ASN A 32 -0.75 6.22 6.86
C ASN A 32 -1.63 5.06 7.28
N SER A 33 -1.45 4.58 8.51
CA SER A 33 -2.22 3.45 9.01
C SER A 33 -3.72 3.78 9.01
N GLN A 34 -4.05 4.97 9.51
CA GLN A 34 -5.45 5.38 9.55
C GLN A 34 -6.01 5.57 8.14
N GLU A 35 -5.22 6.19 7.28
CA GLU A 35 -5.64 6.42 5.90
C GLU A 35 -5.69 5.10 5.13
N GLU A 36 -4.71 4.24 5.38
CA GLU A 36 -4.63 2.96 4.70
C GLU A 36 -5.86 2.11 5.05
N GLU A 37 -6.25 2.14 6.32
CA GLU A 37 -7.39 1.36 6.76
C GLU A 37 -8.65 1.81 6.05
N GLU A 38 -8.84 3.13 5.95
CA GLU A 38 -10.01 3.68 5.28
C GLU A 38 -9.98 3.32 3.79
N GLU A 39 -8.79 3.39 3.20
CA GLU A 39 -8.64 3.09 1.78
C GLU A 39 -8.99 1.62 1.52
N GLU A 40 -8.57 0.73 2.41
CA GLU A 40 -8.84 -0.69 2.24
C GLU A 40 -10.34 -0.95 2.27
N LEU A 41 -11.04 -0.27 3.16
CA LEU A 41 -12.48 -0.43 3.28
C LEU A 41 -13.17 0.01 1.99
N LEU A 42 -12.69 1.09 1.41
CA LEU A 42 -13.25 1.59 0.16
C LEU A 42 -12.84 0.71 -1.01
N ARG A 43 -11.59 0.23 -0.97
CA ARG A 43 -11.07 -0.58 -2.06
C ARG A 43 -11.86 -1.88 -2.21
N LYS A 44 -12.14 -2.53 -1.08
CA LYS A 44 -12.90 -3.76 -1.10
C LYS A 44 -14.38 -3.49 -1.40
N ALA A 45 -14.87 -2.35 -0.92
CA ALA A 45 -16.26 -1.98 -1.16
C ALA A 45 -16.53 -1.78 -2.64
N ILE A 46 -15.58 -1.15 -3.33
CA ILE A 46 -15.71 -0.92 -4.75
C ILE A 46 -15.72 -2.25 -5.51
N ALA A 47 -14.84 -3.15 -5.12
CA ALA A 47 -14.73 -4.45 -5.78
C ALA A 47 -16.05 -5.20 -5.66
N GLU A 48 -16.66 -5.13 -4.49
CA GLU A 48 -17.93 -5.82 -4.25
C GLU A 48 -19.02 -5.24 -5.15
N SER A 49 -19.00 -3.92 -5.34
CA SER A 49 -19.99 -3.26 -6.17
C SER A 49 -19.89 -3.75 -7.62
N LEU A 50 -18.65 -3.92 -8.08
CA LEU A 50 -18.44 -4.39 -9.45
C LEU A 50 -18.90 -5.83 -9.60
N ASN A 51 -18.74 -6.61 -8.55
CA ASN A 51 -19.14 -8.01 -8.59
C ASN A 51 -20.66 -8.13 -8.56
N SER A 52 -21.32 -7.13 -7.98
CA SER A 52 -22.78 -7.15 -7.89
C SER A 52 -23.39 -6.44 -9.08
N CYS A 53 -22.56 -5.73 -9.84
CA CYS A 53 -23.03 -5.01 -11.03
C CYS A 53 -22.97 -5.91 -12.26
N ARG A 54 -23.32 -5.35 -13.41
CA ARG A 54 -23.30 -6.10 -14.66
C ARG A 54 -24.13 -7.37 -14.52
N PRO A 55 -25.36 -7.23 -14.10
CA PRO A 55 -26.29 -8.40 -13.93
C PRO A 55 -26.65 -9.05 -15.26
N SER A 56 -26.80 -10.36 -15.25
CA SER A 56 -27.15 -11.10 -16.46
C SER A 56 -28.59 -10.81 -16.86
N ASP A 57 -28.84 -10.75 -18.16
CA ASP A 57 -30.18 -10.48 -18.66
C ASP A 57 -31.08 -11.70 -18.47
N ALA A 58 -32.39 -11.45 -18.39
CA ALA A 58 -33.35 -12.53 -18.21
C ALA A 58 -33.28 -13.51 -19.38
N SER A 59 -32.83 -13.02 -20.53
CA SER A 59 -32.73 -13.85 -21.72
C SER A 59 -31.49 -14.74 -21.65
N ALA A 60 -30.65 -14.50 -20.64
CA ALA A 60 -29.42 -15.29 -20.47
C ALA A 60 -28.35 -14.80 -21.43
N THR A 61 -28.66 -13.76 -22.19
CA THR A 61 -27.71 -13.21 -23.16
C THR A 61 -26.85 -12.14 -22.50
N ARG A 62 -25.69 -11.87 -23.10
CA ARG A 62 -24.79 -10.84 -22.56
C ARG A 62 -25.12 -9.48 -23.16
N SER A 63 -25.37 -8.51 -22.29
CA SER A 63 -25.69 -7.16 -22.74
C SER A 63 -24.48 -6.52 -23.41
N GLY A 1 15.58 -6.79 -33.12
CA GLY A 1 15.09 -5.85 -32.08
C GLY A 1 15.27 -6.49 -30.70
N PRO A 2 14.84 -7.72 -30.56
CA PRO A 2 14.94 -8.46 -29.26
C PRO A 2 16.39 -8.60 -28.80
N LEU A 3 16.59 -8.58 -27.48
CA LEU A 3 17.92 -8.70 -26.91
C LEU A 3 18.37 -10.17 -26.93
N GLY A 4 17.71 -10.97 -27.77
CA GLY A 4 18.04 -12.39 -27.89
C GLY A 4 17.10 -13.23 -27.03
N SER A 5 16.51 -12.60 -26.01
CA SER A 5 15.58 -13.30 -25.13
C SER A 5 14.25 -13.52 -25.84
N ARG A 6 13.60 -14.65 -25.55
CA ARG A 6 12.32 -14.95 -26.14
C ARG A 6 11.24 -14.02 -25.59
N LYS A 7 10.22 -13.76 -26.39
CA LYS A 7 9.12 -12.89 -25.98
C LYS A 7 8.46 -13.45 -24.72
N ILE A 8 7.92 -12.55 -23.90
CA ILE A 8 7.25 -12.96 -22.68
C ILE A 8 5.84 -13.46 -22.97
N ALA A 9 5.47 -14.57 -22.37
CA ALA A 9 4.14 -15.15 -22.58
C ALA A 9 3.06 -14.15 -22.17
N GLN A 10 1.95 -14.16 -22.89
CA GLN A 10 0.85 -13.24 -22.59
C GLN A 10 0.32 -13.51 -21.19
N MET A 11 0.12 -12.44 -20.42
CA MET A 11 -0.38 -12.56 -19.06
C MET A 11 -1.90 -12.69 -19.07
N THR A 12 -2.42 -13.56 -18.20
CA THR A 12 -3.87 -13.76 -18.12
C THR A 12 -4.53 -12.60 -17.39
N GLU A 13 -5.84 -12.45 -17.59
CA GLU A 13 -6.58 -11.38 -16.93
C GLU A 13 -6.53 -11.54 -15.42
N GLU A 14 -6.68 -12.77 -14.95
CA GLU A 14 -6.65 -13.05 -13.53
C GLU A 14 -5.27 -12.69 -12.95
N GLU A 15 -4.23 -13.06 -13.68
CA GLU A 15 -2.86 -12.78 -13.23
C GLU A 15 -2.63 -11.28 -13.18
N GLN A 16 -3.11 -10.56 -14.19
CA GLN A 16 -2.94 -9.12 -14.23
C GLN A 16 -3.62 -8.46 -13.04
N PHE A 17 -4.80 -8.97 -12.69
CA PHE A 17 -5.55 -8.42 -11.58
C PHE A 17 -4.75 -8.57 -10.27
N ALA A 18 -4.18 -9.75 -10.08
CA ALA A 18 -3.39 -10.00 -8.88
C ALA A 18 -2.20 -9.06 -8.79
N LEU A 19 -1.55 -8.82 -9.92
CA LEU A 19 -0.39 -7.93 -9.95
C LEU A 19 -0.81 -6.50 -9.59
N ALA A 20 -1.97 -6.10 -10.08
CA ALA A 20 -2.45 -4.75 -9.80
C ALA A 20 -2.64 -4.57 -8.30
N LEU A 21 -3.19 -5.58 -7.65
CA LEU A 21 -3.41 -5.51 -6.21
C LEU A 21 -2.08 -5.49 -5.46
N LYS A 22 -1.13 -6.27 -5.96
CA LYS A 22 0.18 -6.33 -5.31
C LYS A 22 0.87 -4.97 -5.36
N MET A 23 0.77 -4.30 -6.50
CA MET A 23 1.39 -3.00 -6.66
C MET A 23 0.78 -1.98 -5.70
N SER A 24 -0.53 -2.04 -5.54
CA SER A 24 -1.23 -1.13 -4.64
C SER A 24 -0.80 -1.37 -3.20
N GLU A 25 -0.61 -2.63 -2.84
CA GLU A 25 -0.20 -2.98 -1.49
C GLU A 25 1.19 -2.43 -1.18
N GLN A 26 2.09 -2.51 -2.17
CA GLN A 26 3.44 -2.03 -1.99
C GLN A 26 3.43 -0.51 -1.75
N GLU A 27 2.61 0.19 -2.52
CA GLU A 27 2.50 1.64 -2.38
C GLU A 27 1.77 2.01 -1.09
N ALA A 28 0.86 1.13 -0.67
CA ALA A 28 0.08 1.35 0.53
C ALA A 28 0.98 1.40 1.76
N ARG A 29 2.18 0.85 1.63
CA ARG A 29 3.11 0.84 2.74
C ARG A 29 3.50 2.26 3.14
N GLU A 30 3.44 3.19 2.18
CA GLU A 30 3.78 4.58 2.45
C GLU A 30 2.55 5.38 2.85
N VAL A 31 1.40 4.75 2.71
CA VAL A 31 0.13 5.39 3.04
C VAL A 31 -0.15 5.28 4.54
N ASN A 32 -0.90 6.24 5.06
CA ASN A 32 -1.24 6.25 6.48
C ASN A 32 -2.01 4.98 6.84
N SER A 33 -2.10 4.70 8.14
CA SER A 33 -2.80 3.52 8.63
C SER A 33 -4.21 3.45 8.07
N GLN A 34 -4.71 4.59 7.59
CA GLN A 34 -6.05 4.67 7.03
C GLN A 34 -6.21 3.66 5.89
N GLU A 35 -5.09 3.28 5.29
CA GLU A 35 -5.12 2.33 4.18
C GLU A 35 -5.73 1.01 4.63
N GLU A 36 -5.58 0.69 5.91
CA GLU A 36 -6.14 -0.55 6.43
C GLU A 36 -7.65 -0.54 6.34
N GLU A 37 -8.26 0.61 6.64
CA GLU A 37 -9.71 0.72 6.56
C GLU A 37 -10.17 0.59 5.12
N GLU A 38 -9.41 1.18 4.21
CA GLU A 38 -9.74 1.13 2.79
C GLU A 38 -9.69 -0.31 2.28
N GLU A 39 -8.68 -1.05 2.75
CA GLU A 39 -8.52 -2.44 2.33
C GLU A 39 -9.74 -3.26 2.76
N GLU A 40 -10.24 -2.97 3.95
CA GLU A 40 -11.40 -3.70 4.46
C GLU A 40 -12.61 -3.48 3.56
N LEU A 41 -12.79 -2.23 3.11
CA LEU A 41 -13.90 -1.91 2.23
C LEU A 41 -13.74 -2.60 0.89
N LEU A 42 -12.52 -2.62 0.37
CA LEU A 42 -12.26 -3.25 -0.91
C LEU A 42 -12.51 -4.74 -0.82
N ARG A 43 -12.08 -5.34 0.29
CA ARG A 43 -12.26 -6.77 0.49
C ARG A 43 -13.74 -7.13 0.47
N LYS A 44 -14.55 -6.29 1.09
CA LYS A 44 -15.98 -6.53 1.14
C LYS A 44 -16.57 -6.49 -0.28
N ALA A 45 -16.05 -5.59 -1.09
CA ALA A 45 -16.55 -5.45 -2.45
C ALA A 45 -16.38 -6.75 -3.22
N ILE A 46 -15.23 -7.40 -3.05
CA ILE A 46 -14.98 -8.67 -3.72
C ILE A 46 -15.96 -9.73 -3.23
N ALA A 47 -16.23 -9.74 -1.93
CA ALA A 47 -17.13 -10.72 -1.36
C ALA A 47 -18.53 -10.57 -1.96
N GLU A 48 -18.95 -9.33 -2.15
CA GLU A 48 -20.26 -9.05 -2.73
C GLU A 48 -20.33 -9.55 -4.17
N SER A 49 -19.22 -9.45 -4.88
CA SER A 49 -19.17 -9.88 -6.27
C SER A 49 -19.42 -11.38 -6.38
N LEU A 50 -19.17 -12.11 -5.28
CA LEU A 50 -19.36 -13.56 -5.29
C LEU A 50 -20.84 -13.90 -5.41
N ASN A 51 -21.70 -13.09 -4.80
CA ASN A 51 -23.14 -13.33 -4.87
C ASN A 51 -23.76 -12.60 -6.06
N SER A 52 -23.09 -11.53 -6.50
CA SER A 52 -23.58 -10.75 -7.63
C SER A 52 -22.91 -11.22 -8.93
N CYS A 53 -22.00 -12.19 -8.80
CA CYS A 53 -21.30 -12.70 -9.97
C CYS A 53 -20.57 -11.58 -10.69
N ARG A 54 -20.20 -11.85 -11.94
CA ARG A 54 -19.49 -10.86 -12.77
C ARG A 54 -20.13 -10.76 -14.15
N PRO A 55 -21.25 -10.12 -14.25
CA PRO A 55 -21.99 -9.95 -15.55
C PRO A 55 -21.10 -9.33 -16.62
N SER A 56 -21.24 -9.82 -17.86
CA SER A 56 -20.45 -9.32 -18.97
C SER A 56 -20.79 -7.85 -19.22
N ASP A 57 -19.77 -7.09 -19.64
CA ASP A 57 -19.96 -5.67 -19.93
C ASP A 57 -21.07 -5.47 -20.95
N ALA A 58 -21.85 -4.41 -20.77
CA ALA A 58 -22.94 -4.11 -21.69
C ALA A 58 -22.42 -3.89 -23.10
N SER A 59 -21.13 -3.58 -23.21
CA SER A 59 -20.52 -3.34 -24.51
C SER A 59 -20.35 -4.66 -25.26
N ALA A 60 -20.38 -5.77 -24.53
CA ALA A 60 -20.24 -7.08 -25.13
C ALA A 60 -18.77 -7.38 -25.42
N THR A 61 -17.95 -6.33 -25.45
CA THR A 61 -16.52 -6.49 -25.72
C THR A 61 -15.79 -6.92 -24.45
N ARG A 62 -14.61 -7.51 -24.64
CA ARG A 62 -13.81 -7.96 -23.51
C ARG A 62 -13.08 -6.79 -22.86
N SER A 63 -13.03 -6.78 -21.54
CA SER A 63 -12.35 -5.71 -20.82
C SER A 63 -10.97 -5.44 -21.43
N GLY A 1 16.01 -22.37 -23.19
CA GLY A 1 17.19 -22.95 -22.48
C GLY A 1 17.25 -24.46 -22.73
N PRO A 2 18.33 -25.08 -22.34
CA PRO A 2 18.53 -26.56 -22.52
C PRO A 2 17.52 -27.36 -21.69
N LEU A 3 16.90 -26.70 -20.73
CA LEU A 3 15.93 -27.37 -19.87
C LEU A 3 14.77 -27.92 -20.70
N GLY A 4 14.47 -27.23 -21.79
CA GLY A 4 13.38 -27.67 -22.66
C GLY A 4 12.03 -27.33 -22.04
N SER A 5 12.02 -26.32 -21.17
CA SER A 5 10.79 -25.91 -20.51
C SER A 5 9.76 -25.45 -21.53
N ARG A 6 8.49 -25.81 -21.29
CA ARG A 6 7.42 -25.45 -22.20
C ARG A 6 7.24 -23.93 -22.24
N LYS A 7 6.95 -23.41 -23.43
CA LYS A 7 6.75 -21.97 -23.58
C LYS A 7 5.62 -21.48 -22.67
N ILE A 8 5.74 -20.24 -22.22
CA ILE A 8 4.74 -19.65 -21.33
C ILE A 8 3.64 -18.98 -22.16
N ALA A 9 2.40 -19.35 -21.88
CA ALA A 9 1.27 -18.78 -22.59
C ALA A 9 1.00 -17.35 -22.14
N GLN A 10 0.15 -16.64 -22.88
CA GLN A 10 -0.16 -15.26 -22.54
C GLN A 10 -0.73 -15.16 -21.13
N MET A 11 -0.42 -14.07 -20.44
CA MET A 11 -0.90 -13.87 -19.09
C MET A 11 -2.41 -13.66 -19.08
N THR A 12 -3.09 -14.34 -18.16
CA THR A 12 -4.55 -14.21 -18.05
C THR A 12 -4.92 -12.92 -17.34
N GLU A 13 -6.19 -12.54 -17.43
CA GLU A 13 -6.67 -11.34 -16.78
C GLU A 13 -6.50 -11.45 -15.28
N GLU A 14 -6.77 -12.63 -14.74
CA GLU A 14 -6.65 -12.85 -13.30
C GLU A 14 -5.21 -12.62 -12.85
N GLU A 15 -4.26 -13.13 -13.62
CA GLU A 15 -2.85 -12.97 -13.26
C GLU A 15 -2.46 -11.50 -13.29
N GLN A 16 -2.92 -10.79 -14.31
CA GLN A 16 -2.60 -9.38 -14.44
C GLN A 16 -3.19 -8.58 -13.27
N PHE A 17 -4.41 -8.95 -12.89
CA PHE A 17 -5.08 -8.28 -11.79
C PHE A 17 -4.30 -8.48 -10.49
N ALA A 18 -3.75 -9.68 -10.31
CA ALA A 18 -2.98 -9.99 -9.11
C ALA A 18 -1.77 -9.07 -9.00
N LEU A 19 -1.11 -8.83 -10.13
CA LEU A 19 0.07 -7.95 -10.14
C LEU A 19 -0.33 -6.54 -9.71
N ALA A 20 -1.48 -6.10 -10.17
CA ALA A 20 -1.95 -4.76 -9.84
C ALA A 20 -2.13 -4.63 -8.33
N LEU A 21 -2.64 -5.69 -7.71
CA LEU A 21 -2.86 -5.69 -6.28
C LEU A 21 -1.54 -5.55 -5.53
N LYS A 22 -0.51 -6.21 -6.04
CA LYS A 22 0.79 -6.16 -5.39
C LYS A 22 1.33 -4.72 -5.40
N MET A 23 1.14 -4.03 -6.51
CA MET A 23 1.60 -2.66 -6.63
C MET A 23 0.86 -1.75 -5.65
N SER A 24 -0.44 -1.98 -5.53
CA SER A 24 -1.26 -1.19 -4.62
C SER A 24 -0.87 -1.50 -3.17
N GLU A 25 -0.44 -2.73 -2.93
CA GLU A 25 -0.04 -3.13 -1.58
C GLU A 25 1.16 -2.31 -1.12
N GLN A 26 2.13 -2.15 -2.00
CA GLN A 26 3.33 -1.40 -1.66
C GLN A 26 2.96 0.05 -1.35
N GLU A 27 2.07 0.61 -2.15
CA GLU A 27 1.61 1.98 -1.93
C GLU A 27 0.70 2.07 -0.72
N ALA A 28 -0.06 1.00 -0.49
CA ALA A 28 -0.98 0.95 0.64
C ALA A 28 -0.24 1.04 1.96
N ARG A 29 1.04 0.67 1.93
CA ARG A 29 1.84 0.71 3.15
C ARG A 29 1.95 2.14 3.68
N GLU A 30 1.83 3.11 2.78
CA GLU A 30 1.91 4.52 3.18
C GLU A 30 0.53 5.04 3.60
N VAL A 31 -0.48 4.26 3.28
CA VAL A 31 -1.86 4.61 3.61
C VAL A 31 -2.18 4.21 5.05
N ASN A 32 -3.18 4.87 5.63
CA ASN A 32 -3.56 4.58 7.01
C ASN A 32 -3.78 3.07 7.19
N SER A 33 -3.58 2.61 8.42
CA SER A 33 -3.74 1.20 8.73
C SER A 33 -5.14 0.72 8.35
N GLN A 34 -6.09 1.64 8.28
CA GLN A 34 -7.45 1.28 7.94
C GLN A 34 -7.50 0.67 6.54
N GLU A 35 -6.75 1.25 5.61
CA GLU A 35 -6.73 0.74 4.25
C GLU A 35 -6.01 -0.61 4.23
N GLU A 36 -4.94 -0.71 5.01
CA GLU A 36 -4.16 -1.95 5.04
C GLU A 36 -5.02 -3.10 5.55
N GLU A 37 -5.81 -2.85 6.58
CA GLU A 37 -6.67 -3.89 7.14
C GLU A 37 -7.69 -4.35 6.11
N GLU A 38 -8.27 -3.40 5.38
CA GLU A 38 -9.24 -3.73 4.35
C GLU A 38 -8.60 -4.55 3.24
N GLU A 39 -7.39 -4.17 2.86
CA GLU A 39 -6.67 -4.87 1.81
C GLU A 39 -6.41 -6.31 2.21
N GLU A 40 -6.05 -6.51 3.47
CA GLU A 40 -5.76 -7.85 3.96
C GLU A 40 -6.99 -8.74 3.85
N LEU A 41 -8.15 -8.20 4.17
CA LEU A 41 -9.40 -8.97 4.10
C LEU A 41 -9.68 -9.37 2.65
N LEU A 42 -9.43 -8.46 1.74
CA LEU A 42 -9.65 -8.74 0.33
C LEU A 42 -8.61 -9.71 -0.19
N ARG A 43 -7.38 -9.56 0.29
CA ARG A 43 -6.28 -10.40 -0.16
C ARG A 43 -6.56 -11.88 0.13
N LYS A 44 -7.08 -12.14 1.32
CA LYS A 44 -7.40 -13.51 1.70
C LYS A 44 -8.58 -14.04 0.89
N ALA A 45 -9.52 -13.15 0.57
CA ALA A 45 -10.70 -13.55 -0.19
C ALA A 45 -10.29 -14.11 -1.55
N ILE A 46 -9.33 -13.46 -2.19
CA ILE A 46 -8.85 -13.91 -3.49
C ILE A 46 -8.09 -15.22 -3.35
N ALA A 47 -7.28 -15.31 -2.31
CA ALA A 47 -6.49 -16.51 -2.09
C ALA A 47 -7.39 -17.72 -1.88
N GLU A 48 -8.48 -17.52 -1.14
CA GLU A 48 -9.42 -18.61 -0.89
C GLU A 48 -10.06 -19.07 -2.18
N SER A 49 -10.40 -18.12 -3.05
CA SER A 49 -11.03 -18.45 -4.32
C SER A 49 -10.07 -19.28 -5.18
N LEU A 50 -8.80 -18.93 -5.15
CA LEU A 50 -7.80 -19.65 -5.92
C LEU A 50 -7.62 -21.06 -5.39
N ASN A 51 -7.73 -21.20 -4.07
CA ASN A 51 -7.59 -22.52 -3.46
C ASN A 51 -8.79 -23.40 -3.79
N SER A 52 -9.94 -22.77 -4.01
CA SER A 52 -11.17 -23.51 -4.34
C SER A 52 -11.25 -23.78 -5.84
N CYS A 53 -10.43 -23.06 -6.60
CA CYS A 53 -10.41 -23.22 -8.05
C CYS A 53 -10.03 -24.66 -8.41
N ARG A 54 -9.08 -25.21 -7.67
CA ARG A 54 -8.63 -26.57 -7.94
C ARG A 54 -9.80 -27.56 -7.88
N PRO A 55 -9.74 -28.62 -8.66
CA PRO A 55 -10.83 -29.64 -8.70
C PRO A 55 -10.92 -30.45 -7.39
N SER A 56 -12.11 -30.90 -7.08
CA SER A 56 -12.33 -31.68 -5.86
C SER A 56 -11.77 -33.09 -6.03
N ASP A 57 -11.60 -33.80 -4.91
CA ASP A 57 -11.07 -35.16 -4.96
C ASP A 57 -11.96 -36.05 -5.82
N ALA A 58 -11.34 -36.73 -6.78
CA ALA A 58 -12.07 -37.63 -7.67
C ALA A 58 -12.66 -38.80 -6.89
N SER A 59 -11.92 -39.26 -5.88
CA SER A 59 -12.38 -40.38 -5.07
C SER A 59 -13.51 -39.96 -4.15
N ALA A 60 -13.61 -38.65 -3.89
CA ALA A 60 -14.65 -38.13 -3.03
C ALA A 60 -14.29 -38.35 -1.56
N THR A 61 -13.26 -39.15 -1.32
CA THR A 61 -12.82 -39.44 0.04
C THR A 61 -11.96 -38.30 0.58
N ARG A 62 -11.87 -38.20 1.90
CA ARG A 62 -11.07 -37.16 2.52
C ARG A 62 -9.59 -37.48 2.42
N SER A 63 -8.78 -36.47 2.15
CA SER A 63 -7.34 -36.66 2.04
C SER A 63 -6.69 -36.68 3.41
N GLY A 1 17.27 -33.76 -12.37
CA GLY A 1 17.63 -34.54 -13.59
C GLY A 1 17.65 -33.61 -14.80
N PRO A 2 16.49 -33.20 -15.26
CA PRO A 2 16.38 -32.30 -16.43
C PRO A 2 16.86 -30.89 -16.10
N LEU A 3 17.37 -30.20 -17.12
CA LEU A 3 17.87 -28.83 -16.95
C LEU A 3 17.36 -27.94 -18.08
N GLY A 4 16.78 -26.81 -17.71
CA GLY A 4 16.26 -25.85 -18.69
C GLY A 4 14.76 -25.64 -18.50
N SER A 5 14.40 -24.71 -17.63
CA SER A 5 13.01 -24.40 -17.36
C SER A 5 12.37 -23.74 -18.58
N ARG A 6 11.12 -24.12 -18.86
CA ARG A 6 10.40 -23.55 -19.99
C ARG A 6 10.12 -22.08 -19.75
N LYS A 7 9.98 -21.32 -20.84
CA LYS A 7 9.71 -19.90 -20.75
C LYS A 7 8.32 -19.65 -20.19
N ILE A 8 8.15 -18.51 -19.53
CA ILE A 8 6.86 -18.16 -18.95
C ILE A 8 5.84 -17.83 -20.04
N ALA A 9 4.67 -18.45 -19.95
CA ALA A 9 3.61 -18.23 -20.92
C ALA A 9 3.01 -16.84 -20.76
N GLN A 10 2.16 -16.44 -21.70
CA GLN A 10 1.53 -15.13 -21.64
C GLN A 10 0.77 -14.96 -20.33
N MET A 11 0.80 -13.75 -19.78
CA MET A 11 0.12 -13.48 -18.53
C MET A 11 -1.39 -13.52 -18.71
N THR A 12 -2.08 -14.24 -17.84
CA THR A 12 -3.53 -14.35 -17.91
C THR A 12 -4.18 -13.10 -17.33
N GLU A 13 -5.47 -12.92 -17.63
CA GLU A 13 -6.21 -11.77 -17.14
C GLU A 13 -6.24 -11.76 -15.61
N GLU A 14 -6.32 -12.94 -15.02
CA GLU A 14 -6.35 -13.05 -13.57
C GLU A 14 -5.02 -12.60 -12.96
N GLU A 15 -3.93 -12.93 -13.64
CA GLU A 15 -2.61 -12.53 -13.17
C GLU A 15 -2.46 -11.02 -13.18
N GLN A 16 -2.97 -10.39 -14.21
CA GLN A 16 -2.88 -8.95 -14.33
C GLN A 16 -3.65 -8.28 -13.19
N PHE A 17 -4.81 -8.82 -12.87
CA PHE A 17 -5.63 -8.28 -11.79
C PHE A 17 -4.88 -8.37 -10.45
N ALA A 18 -4.30 -9.54 -10.19
CA ALA A 18 -3.55 -9.76 -8.95
C ALA A 18 -2.37 -8.81 -8.89
N LEU A 19 -1.74 -8.60 -10.02
CA LEU A 19 -0.58 -7.72 -10.08
C LEU A 19 -0.97 -6.30 -9.68
N ALA A 20 -2.12 -5.85 -10.15
CA ALA A 20 -2.59 -4.50 -9.84
C ALA A 20 -2.76 -4.34 -8.33
N LEU A 21 -3.32 -5.36 -7.69
CA LEU A 21 -3.54 -5.32 -6.26
C LEU A 21 -2.20 -5.31 -5.53
N LYS A 22 -1.25 -6.05 -6.06
CA LYS A 22 0.07 -6.12 -5.45
C LYS A 22 0.72 -4.74 -5.47
N MET A 23 0.56 -4.03 -6.57
CA MET A 23 1.15 -2.70 -6.70
C MET A 23 0.57 -1.76 -5.66
N SER A 24 -0.73 -1.85 -5.44
CA SER A 24 -1.39 -0.99 -4.46
C SER A 24 -0.85 -1.27 -3.06
N GLU A 25 -0.64 -2.55 -2.76
CA GLU A 25 -0.11 -2.94 -1.45
C GLU A 25 1.29 -2.39 -1.24
N GLN A 26 2.09 -2.42 -2.30
CA GLN A 26 3.46 -1.91 -2.23
C GLN A 26 3.44 -0.41 -1.94
N GLU A 27 2.51 0.30 -2.55
CA GLU A 27 2.42 1.74 -2.35
C GLU A 27 2.15 2.04 -0.87
N ALA A 28 1.30 1.24 -0.25
CA ALA A 28 0.99 1.43 1.16
C ALA A 28 2.23 1.24 2.03
N ARG A 29 3.06 0.27 1.68
CA ARG A 29 4.26 -0.02 2.45
C ARG A 29 5.41 0.91 2.04
N GLU A 30 5.27 1.52 0.86
CA GLU A 30 6.28 2.45 0.35
C GLU A 30 5.99 3.86 0.83
N VAL A 31 5.05 3.98 1.76
CA VAL A 31 4.69 5.28 2.29
C VAL A 31 5.88 5.93 2.98
N ASN A 32 6.07 7.22 2.74
CA ASN A 32 7.19 7.94 3.32
C ASN A 32 7.18 7.80 4.83
N SER A 33 8.30 7.31 5.37
CA SER A 33 8.43 7.12 6.81
C SER A 33 8.47 8.46 7.51
N GLN A 34 8.81 9.51 6.76
CA GLN A 34 8.89 10.84 7.32
C GLN A 34 7.53 11.28 7.85
N GLU A 35 6.46 10.77 7.26
CA GLU A 35 5.13 11.14 7.70
C GLU A 35 4.92 10.72 9.15
N GLU A 36 5.37 9.53 9.49
CA GLU A 36 5.23 9.04 10.86
C GLU A 36 6.10 9.88 11.80
N GLU A 37 7.30 10.21 11.35
CA GLU A 37 8.22 11.01 12.15
C GLU A 37 7.65 12.40 12.41
N GLU A 38 7.00 12.96 11.40
CA GLU A 38 6.40 14.28 11.53
C GLU A 38 5.33 14.27 12.62
N GLU A 39 4.55 13.21 12.67
CA GLU A 39 3.50 13.10 13.67
C GLU A 39 4.12 13.10 15.06
N GLU A 40 5.22 12.38 15.22
CA GLU A 40 5.90 12.29 16.51
C GLU A 40 6.42 13.66 16.93
N LEU A 41 6.98 14.39 15.98
CA LEU A 41 7.53 15.71 16.27
C LEU A 41 6.41 16.64 16.74
N LEU A 42 5.25 16.54 16.12
CA LEU A 42 4.13 17.39 16.50
C LEU A 42 3.70 17.09 17.93
N ARG A 43 3.70 15.82 18.29
CA ARG A 43 3.32 15.42 19.63
C ARG A 43 4.30 15.99 20.65
N LYS A 44 5.59 15.95 20.31
CA LYS A 44 6.63 16.45 21.20
C LYS A 44 6.44 17.95 21.43
N ALA A 45 6.15 18.68 20.36
CA ALA A 45 5.96 20.13 20.45
C ALA A 45 4.83 20.46 21.42
N ILE A 46 3.75 19.69 21.34
CA ILE A 46 2.61 19.92 22.22
C ILE A 46 3.00 19.72 23.68
N ALA A 47 3.75 18.66 23.94
CA ALA A 47 4.19 18.39 25.31
C ALA A 47 5.05 19.51 25.85
N GLU A 48 5.91 20.06 24.99
CA GLU A 48 6.78 21.16 25.40
C GLU A 48 5.95 22.39 25.75
N SER A 49 4.89 22.64 24.99
CA SER A 49 4.05 23.80 25.24
C SER A 49 3.39 23.70 26.61
N LEU A 50 2.98 22.49 26.98
CA LEU A 50 2.35 22.28 28.27
C LEU A 50 3.37 22.41 29.40
N ASN A 51 4.60 21.99 29.13
CA ASN A 51 5.66 22.09 30.12
C ASN A 51 6.02 23.55 30.39
N SER A 52 5.77 24.40 29.41
CA SER A 52 6.08 25.82 29.56
C SER A 52 5.04 26.50 30.44
N CYS A 53 3.97 25.78 30.76
CA CYS A 53 2.91 26.34 31.59
C CYS A 53 2.20 27.48 30.89
N ARG A 54 1.21 27.13 30.06
CA ARG A 54 0.45 28.14 29.33
C ARG A 54 -1.05 27.90 29.52
N PRO A 55 -1.60 28.37 30.62
CA PRO A 55 -3.05 28.21 30.93
C PRO A 55 -3.93 28.80 29.82
N SER A 56 -5.05 28.13 29.55
CA SER A 56 -5.98 28.59 28.52
C SER A 56 -6.56 29.95 28.90
N ASP A 57 -6.87 30.76 27.90
CA ASP A 57 -7.43 32.08 28.15
C ASP A 57 -8.72 31.97 28.95
N ALA A 58 -8.95 32.94 29.83
CA ALA A 58 -10.15 32.95 30.65
C ALA A 58 -11.40 32.99 29.79
N SER A 59 -11.31 33.65 28.65
CA SER A 59 -12.45 33.76 27.75
C SER A 59 -12.72 32.43 27.05
N ALA A 60 -11.73 31.56 27.06
CA ALA A 60 -11.86 30.23 26.44
C ALA A 60 -11.72 30.36 24.92
N THR A 61 -11.26 31.52 24.46
CA THR A 61 -11.09 31.74 23.03
C THR A 61 -9.83 31.04 22.51
N ARG A 62 -9.79 30.80 21.21
CA ARG A 62 -8.64 30.13 20.61
C ARG A 62 -7.47 31.11 20.49
N SER A 63 -6.27 30.61 20.78
CA SER A 63 -5.07 31.44 20.70
C SER A 63 -3.83 30.58 20.45
N GLY A 1 23.01 -20.98 -25.63
CA GLY A 1 23.22 -20.25 -26.92
C GLY A 1 22.01 -20.49 -27.83
N PRO A 2 20.83 -20.17 -27.37
CA PRO A 2 19.58 -20.36 -28.16
C PRO A 2 19.50 -19.38 -29.32
N LEU A 3 18.87 -19.81 -30.42
CA LEU A 3 18.72 -18.96 -31.60
C LEU A 3 17.26 -18.55 -31.78
N GLY A 4 17.02 -17.25 -31.73
CA GLY A 4 15.65 -16.74 -31.90
C GLY A 4 14.82 -16.99 -30.65
N SER A 5 14.69 -15.96 -29.82
CA SER A 5 13.91 -16.08 -28.59
C SER A 5 12.41 -16.16 -28.91
N ARG A 6 11.70 -16.99 -28.18
CA ARG A 6 10.26 -17.15 -28.39
C ARG A 6 9.50 -16.01 -27.73
N LYS A 7 8.36 -15.65 -28.32
CA LYS A 7 7.54 -14.57 -27.78
C LYS A 7 6.95 -14.96 -26.44
N ILE A 8 6.82 -13.99 -25.55
CA ILE A 8 6.27 -14.25 -24.22
C ILE A 8 4.74 -14.38 -24.30
N ALA A 9 4.22 -15.45 -23.70
CA ALA A 9 2.78 -15.69 -23.71
C ALA A 9 2.05 -14.54 -23.02
N GLN A 10 0.85 -14.23 -23.52
CA GLN A 10 0.05 -13.15 -22.95
C GLN A 10 -0.36 -13.49 -21.52
N MET A 11 -0.33 -12.50 -20.65
CA MET A 11 -0.72 -12.70 -19.25
C MET A 11 -2.22 -12.91 -19.14
N THR A 12 -2.62 -13.77 -18.20
CA THR A 12 -4.05 -14.04 -18.00
C THR A 12 -4.73 -12.87 -17.30
N GLU A 13 -6.04 -12.82 -17.40
CA GLU A 13 -6.81 -11.74 -16.77
C GLU A 13 -6.62 -11.76 -15.27
N GLU A 14 -6.68 -12.95 -14.69
CA GLU A 14 -6.51 -13.09 -13.25
C GLU A 14 -5.12 -12.66 -12.83
N GLU A 15 -4.12 -13.03 -13.63
CA GLU A 15 -2.74 -12.67 -13.32
C GLU A 15 -2.57 -11.16 -13.33
N GLN A 16 -3.14 -10.51 -14.33
CA GLN A 16 -3.05 -9.06 -14.43
C GLN A 16 -3.67 -8.39 -13.22
N PHE A 17 -4.82 -8.89 -12.80
CA PHE A 17 -5.52 -8.34 -11.66
C PHE A 17 -4.67 -8.48 -10.39
N ALA A 18 -4.09 -9.66 -10.21
CA ALA A 18 -3.26 -9.92 -9.03
C ALA A 18 -2.06 -8.97 -9.01
N LEU A 19 -1.46 -8.74 -10.17
CA LEU A 19 -0.30 -7.86 -10.26
C LEU A 19 -0.69 -6.43 -9.86
N ALA A 20 -1.87 -6.00 -10.28
CA ALA A 20 -2.33 -4.66 -9.96
C ALA A 20 -2.45 -4.50 -8.44
N LEU A 21 -2.97 -5.53 -7.79
CA LEU A 21 -3.12 -5.50 -6.35
C LEU A 21 -1.76 -5.45 -5.66
N LYS A 22 -0.80 -6.16 -6.22
CA LYS A 22 0.53 -6.20 -5.62
C LYS A 22 1.15 -4.79 -5.63
N MET A 23 0.95 -4.08 -6.73
CA MET A 23 1.48 -2.72 -6.83
C MET A 23 0.84 -1.81 -5.79
N SER A 24 -0.47 -1.97 -5.63
CA SER A 24 -1.22 -1.16 -4.66
C SER A 24 -0.76 -1.47 -3.24
N GLU A 25 -0.52 -2.75 -2.95
CA GLU A 25 -0.11 -3.14 -1.62
C GLU A 25 1.24 -2.53 -1.26
N GLN A 26 2.16 -2.50 -2.22
CA GLN A 26 3.47 -1.91 -1.97
C GLN A 26 3.35 -0.43 -1.65
N GLU A 27 2.51 0.27 -2.42
CA GLU A 27 2.31 1.70 -2.20
C GLU A 27 1.53 1.94 -0.91
N ALA A 28 0.58 1.07 -0.63
CA ALA A 28 -0.25 1.19 0.58
C ALA A 28 0.61 1.08 1.83
N ARG A 29 1.73 0.38 1.72
CA ARG A 29 2.61 0.21 2.87
C ARG A 29 3.18 1.56 3.30
N GLU A 30 3.26 2.50 2.36
CA GLU A 30 3.78 3.84 2.67
C GLU A 30 2.66 4.78 3.09
N VAL A 31 1.44 4.28 3.00
CA VAL A 31 0.26 5.07 3.37
C VAL A 31 0.03 5.01 4.88
N ASN A 32 -0.34 6.14 5.46
CA ASN A 32 -0.58 6.21 6.90
C ASN A 32 -1.62 5.18 7.31
N SER A 33 -1.58 4.76 8.57
CA SER A 33 -2.52 3.76 9.07
C SER A 33 -3.96 4.24 8.94
N GLN A 34 -4.19 5.50 9.30
CA GLN A 34 -5.54 6.07 9.21
C GLN A 34 -5.96 6.24 7.76
N GLU A 35 -5.03 6.70 6.93
CA GLU A 35 -5.31 6.88 5.51
C GLU A 35 -5.50 5.53 4.83
N GLU A 36 -4.69 4.56 5.24
CA GLU A 36 -4.76 3.23 4.66
C GLU A 36 -6.13 2.62 4.92
N GLU A 37 -6.64 2.80 6.13
CA GLU A 37 -7.94 2.25 6.48
C GLU A 37 -9.02 2.84 5.59
N GLU A 38 -9.00 4.15 5.42
CA GLU A 38 -9.99 4.81 4.58
C GLU A 38 -9.77 4.45 3.12
N GLU A 39 -8.51 4.44 2.70
CA GLU A 39 -8.18 4.11 1.32
C GLU A 39 -8.57 2.67 1.00
N GLU A 40 -8.32 1.78 1.93
CA GLU A 40 -8.64 0.37 1.73
C GLU A 40 -10.14 0.19 1.51
N LEU A 41 -10.93 0.85 2.35
CA LEU A 41 -12.38 0.74 2.23
C LEU A 41 -12.84 1.33 0.91
N LEU A 42 -12.24 2.44 0.52
CA LEU A 42 -12.61 3.09 -0.73
C LEU A 42 -12.27 2.18 -1.92
N ARG A 43 -11.11 1.56 -1.86
CA ARG A 43 -10.67 0.69 -2.94
C ARG A 43 -11.64 -0.47 -3.10
N LYS A 44 -12.09 -1.01 -1.98
CA LYS A 44 -13.02 -2.14 -2.01
C LYS A 44 -14.32 -1.74 -2.69
N ALA A 45 -14.80 -0.53 -2.42
CA ALA A 45 -16.04 -0.07 -3.03
C ALA A 45 -15.91 -0.02 -4.55
N ILE A 46 -14.76 0.45 -5.02
CA ILE A 46 -14.52 0.54 -6.46
C ILE A 46 -14.48 -0.85 -7.09
N ALA A 47 -13.76 -1.76 -6.45
CA ALA A 47 -13.64 -3.12 -6.97
C ALA A 47 -15.01 -3.80 -7.00
N GLU A 48 -15.79 -3.59 -5.95
CA GLU A 48 -17.12 -4.19 -5.86
C GLU A 48 -18.03 -3.61 -6.94
N SER A 49 -17.94 -2.31 -7.17
CA SER A 49 -18.77 -1.65 -8.17
C SER A 49 -18.43 -2.18 -9.56
N LEU A 50 -17.15 -2.41 -9.81
CA LEU A 50 -16.72 -2.92 -11.11
C LEU A 50 -17.20 -4.35 -11.32
N ASN A 51 -17.22 -5.12 -10.23
CA ASN A 51 -17.68 -6.49 -10.32
C ASN A 51 -19.20 -6.55 -10.49
N SER A 52 -19.88 -5.52 -9.97
CA SER A 52 -21.33 -5.45 -10.07
C SER A 52 -21.76 -4.65 -11.29
N CYS A 53 -20.78 -4.08 -12.00
CA CYS A 53 -21.06 -3.30 -13.19
C CYS A 53 -21.55 -4.21 -14.32
N ARG A 54 -21.70 -5.50 -14.02
CA ARG A 54 -22.15 -6.45 -15.02
C ARG A 54 -21.16 -6.50 -16.18
N PRO A 55 -19.93 -6.87 -15.90
CA PRO A 55 -18.87 -6.95 -16.96
C PRO A 55 -19.14 -8.06 -17.96
N SER A 56 -18.69 -7.85 -19.19
CA SER A 56 -18.89 -8.83 -20.25
C SER A 56 -18.14 -10.12 -19.93
N ASP A 57 -18.72 -11.25 -20.31
CA ASP A 57 -18.11 -12.55 -20.06
C ASP A 57 -16.75 -12.65 -20.74
N ALA A 58 -15.85 -13.40 -20.13
CA ALA A 58 -14.51 -13.57 -20.69
C ALA A 58 -14.57 -14.20 -22.08
N SER A 59 -15.66 -14.93 -22.33
CA SER A 59 -15.83 -15.58 -23.63
C SER A 59 -16.20 -14.56 -24.71
N ALA A 60 -16.52 -13.34 -24.26
CA ALA A 60 -16.89 -12.28 -25.19
C ALA A 60 -18.34 -12.43 -25.65
N THR A 61 -18.97 -13.51 -25.22
CA THR A 61 -20.36 -13.77 -25.59
C THR A 61 -21.31 -12.97 -24.70
N ARG A 62 -22.52 -12.75 -25.20
CA ARG A 62 -23.52 -12.00 -24.44
C ARG A 62 -24.14 -12.88 -23.36
N SER A 63 -24.33 -12.31 -22.18
CA SER A 63 -24.93 -13.03 -21.06
C SER A 63 -26.31 -13.56 -21.45
N GLY A 1 22.01 -6.68 -28.56
CA GLY A 1 21.78 -8.11 -28.24
C GLY A 1 21.44 -8.87 -29.52
N PRO A 2 21.50 -10.18 -29.48
CA PRO A 2 21.20 -11.04 -30.65
C PRO A 2 19.73 -10.99 -31.05
N LEU A 3 18.88 -10.63 -30.08
CA LEU A 3 17.45 -10.54 -30.34
C LEU A 3 16.97 -11.76 -31.11
N GLY A 4 15.85 -11.62 -31.81
CA GLY A 4 15.29 -12.71 -32.59
C GLY A 4 14.49 -13.66 -31.70
N SER A 5 14.42 -13.33 -30.41
CA SER A 5 13.69 -14.15 -29.46
C SER A 5 12.19 -14.06 -29.71
N ARG A 6 11.46 -15.05 -29.22
CA ARG A 6 10.01 -15.07 -29.39
C ARG A 6 9.35 -13.99 -28.53
N LYS A 7 8.20 -13.50 -28.98
CA LYS A 7 7.49 -12.48 -28.24
C LYS A 7 7.01 -13.01 -26.89
N ILE A 8 6.85 -12.10 -25.93
CA ILE A 8 6.40 -12.51 -24.60
C ILE A 8 4.96 -12.99 -24.65
N ALA A 9 4.70 -14.13 -24.01
CA ALA A 9 3.36 -14.70 -23.98
C ALA A 9 2.39 -13.74 -23.29
N GLN A 10 1.15 -13.72 -23.76
CA GLN A 10 0.14 -12.84 -23.18
C GLN A 10 -0.26 -13.34 -21.80
N MET A 11 -0.39 -12.40 -20.86
CA MET A 11 -0.77 -12.76 -19.49
C MET A 11 -2.29 -12.83 -19.36
N THR A 12 -2.76 -13.69 -18.47
CA THR A 12 -4.20 -13.84 -18.26
C THR A 12 -4.76 -12.65 -17.49
N GLU A 13 -6.07 -12.45 -17.60
CA GLU A 13 -6.71 -11.34 -16.92
C GLU A 13 -6.56 -11.48 -15.40
N GLU A 14 -6.72 -12.71 -14.91
CA GLU A 14 -6.60 -12.97 -13.49
C GLU A 14 -5.20 -12.64 -13.00
N GLU A 15 -4.20 -13.02 -13.78
CA GLU A 15 -2.82 -12.75 -13.42
C GLU A 15 -2.55 -11.26 -13.36
N GLN A 16 -3.07 -10.52 -14.34
CA GLN A 16 -2.88 -9.09 -14.39
C GLN A 16 -3.53 -8.42 -13.19
N PHE A 17 -4.72 -8.87 -12.83
CA PHE A 17 -5.44 -8.31 -11.70
C PHE A 17 -4.63 -8.51 -10.41
N ALA A 18 -4.14 -9.72 -10.20
CA ALA A 18 -3.37 -10.02 -9.01
C ALA A 18 -2.12 -9.15 -8.96
N LEU A 19 -1.49 -8.94 -10.10
CA LEU A 19 -0.28 -8.14 -10.15
C LEU A 19 -0.59 -6.70 -9.72
N ALA A 20 -1.72 -6.19 -10.17
CA ALA A 20 -2.11 -4.83 -9.84
C ALA A 20 -2.27 -4.68 -8.34
N LEU A 21 -2.86 -5.69 -7.71
CA LEU A 21 -3.08 -5.67 -6.27
C LEU A 21 -1.75 -5.67 -5.53
N LYS A 22 -0.80 -6.46 -6.03
CA LYS A 22 0.50 -6.55 -5.39
C LYS A 22 1.21 -5.19 -5.42
N MET A 23 1.10 -4.51 -6.56
CA MET A 23 1.72 -3.19 -6.71
C MET A 23 1.03 -2.18 -5.80
N SER A 24 -0.28 -2.25 -5.73
CA SER A 24 -1.06 -1.34 -4.90
C SER A 24 -0.71 -1.55 -3.43
N GLU A 25 -0.52 -2.81 -3.05
CA GLU A 25 -0.19 -3.14 -1.67
C GLU A 25 1.14 -2.50 -1.27
N GLN A 26 2.12 -2.58 -2.15
CA GLN A 26 3.43 -2.00 -1.88
C GLN A 26 3.33 -0.49 -1.70
N GLU A 27 2.52 0.15 -2.55
CA GLU A 27 2.32 1.59 -2.48
C GLU A 27 1.54 1.96 -1.22
N ALA A 28 0.59 1.09 -0.85
CA ALA A 28 -0.23 1.35 0.32
C ALA A 28 0.64 1.42 1.58
N ARG A 29 1.68 0.59 1.61
CA ARG A 29 2.57 0.58 2.77
C ARG A 29 3.29 1.92 2.90
N GLU A 30 3.47 2.62 1.78
CA GLU A 30 4.15 3.91 1.78
C GLU A 30 3.15 5.04 2.00
N VAL A 31 1.89 4.72 1.82
CA VAL A 31 0.82 5.72 1.99
C VAL A 31 0.45 5.86 3.47
N ASN A 32 -0.03 7.05 3.85
CA ASN A 32 -0.41 7.30 5.23
C ASN A 32 -1.40 6.24 5.70
N SER A 33 -1.40 5.97 7.01
CA SER A 33 -2.29 4.97 7.57
C SER A 33 -3.75 5.33 7.32
N GLN A 34 -4.09 6.60 7.53
CA GLN A 34 -5.46 7.04 7.32
C GLN A 34 -5.85 6.94 5.84
N GLU A 35 -4.93 7.34 4.97
CA GLU A 35 -5.17 7.29 3.54
C GLU A 35 -5.19 5.84 3.05
N GLU A 36 -4.31 5.02 3.62
CA GLU A 36 -4.23 3.63 3.23
C GLU A 36 -5.54 2.91 3.53
N GLU A 37 -6.12 3.19 4.69
CA GLU A 37 -7.38 2.56 5.07
C GLU A 37 -8.47 2.94 4.09
N GLU A 38 -8.50 4.21 3.69
CA GLU A 38 -9.51 4.67 2.74
C GLU A 38 -9.36 3.95 1.41
N GLU A 39 -8.12 3.71 1.00
CA GLU A 39 -7.85 3.02 -0.26
C GLU A 39 -8.38 1.59 -0.19
N GLU A 40 -8.25 0.97 0.98
CA GLU A 40 -8.71 -0.42 1.15
C GLU A 40 -10.21 -0.50 0.89
N LEU A 41 -10.97 0.42 1.45
CA LEU A 41 -12.42 0.43 1.25
C LEU A 41 -12.75 0.76 -0.19
N LEU A 42 -12.02 1.71 -0.76
CA LEU A 42 -12.27 2.10 -2.13
C LEU A 42 -12.02 0.94 -3.08
N ARG A 43 -10.92 0.24 -2.86
CA ARG A 43 -10.56 -0.91 -3.70
C ARG A 43 -11.58 -2.02 -3.55
N LYS A 44 -12.03 -2.25 -2.31
CA LYS A 44 -12.99 -3.31 -2.04
C LYS A 44 -14.29 -3.06 -2.80
N ALA A 45 -14.75 -1.80 -2.79
CA ALA A 45 -15.98 -1.46 -3.48
C ALA A 45 -15.85 -1.72 -4.97
N ILE A 46 -14.69 -1.39 -5.52
CA ILE A 46 -14.45 -1.58 -6.94
C ILE A 46 -14.48 -3.07 -7.30
N ALA A 47 -13.81 -3.87 -6.48
CA ALA A 47 -13.76 -5.31 -6.73
C ALA A 47 -15.17 -5.90 -6.67
N GLU A 48 -15.96 -5.45 -5.72
CA GLU A 48 -17.33 -5.96 -5.56
C GLU A 48 -18.16 -5.60 -6.79
N SER A 49 -17.98 -4.39 -7.30
CA SER A 49 -18.72 -3.95 -8.47
C SER A 49 -18.36 -4.80 -9.69
N LEU A 50 -17.08 -5.12 -9.81
CA LEU A 50 -16.61 -5.91 -10.94
C LEU A 50 -17.13 -7.34 -10.85
N ASN A 51 -17.24 -7.85 -9.63
CA ASN A 51 -17.73 -9.21 -9.43
C ASN A 51 -19.25 -9.25 -9.53
N SER A 52 -19.88 -8.09 -9.39
CA SER A 52 -21.34 -8.00 -9.46
C SER A 52 -21.79 -7.73 -10.89
N CYS A 53 -20.82 -7.66 -11.80
CA CYS A 53 -21.13 -7.40 -13.21
C CYS A 53 -22.00 -8.53 -13.78
N ARG A 54 -21.48 -9.22 -14.78
CA ARG A 54 -22.21 -10.32 -15.41
C ARG A 54 -22.34 -11.50 -14.45
N PRO A 55 -21.29 -11.80 -13.71
CA PRO A 55 -21.27 -12.94 -12.75
C PRO A 55 -22.39 -12.83 -11.71
N SER A 56 -22.99 -13.96 -11.39
CA SER A 56 -24.07 -13.99 -10.40
C SER A 56 -23.51 -13.78 -9.01
N ASP A 57 -24.38 -13.39 -8.08
CA ASP A 57 -23.97 -13.17 -6.70
C ASP A 57 -23.57 -14.48 -6.03
N ALA A 58 -22.45 -14.45 -5.31
CA ALA A 58 -21.97 -15.64 -4.62
C ALA A 58 -23.01 -16.13 -3.61
N SER A 59 -23.73 -15.20 -3.01
CA SER A 59 -24.75 -15.56 -2.03
C SER A 59 -25.96 -16.13 -2.73
N ALA A 60 -26.08 -15.86 -4.03
CA ALA A 60 -27.21 -16.36 -4.80
C ALA A 60 -28.44 -15.51 -4.56
N THR A 61 -28.72 -15.26 -3.28
CA THR A 61 -29.89 -14.46 -2.91
C THR A 61 -29.54 -12.97 -2.91
N ARG A 62 -30.56 -12.14 -3.02
CA ARG A 62 -30.35 -10.69 -3.04
C ARG A 62 -30.41 -10.13 -1.63
N SER A 63 -29.46 -9.25 -1.31
CA SER A 63 -29.41 -8.65 0.02
C SER A 63 -28.67 -7.31 -0.02
N GLY A 1 26.99 -9.63 -18.76
CA GLY A 1 25.84 -10.22 -19.50
C GLY A 1 24.55 -9.62 -18.98
N PRO A 2 24.29 -8.38 -19.31
CA PRO A 2 23.05 -7.66 -18.86
C PRO A 2 21.78 -8.39 -19.30
N LEU A 3 20.77 -8.38 -18.44
CA LEU A 3 19.51 -9.03 -18.75
C LEU A 3 19.74 -10.49 -19.14
N GLY A 4 19.15 -10.90 -20.26
CA GLY A 4 19.29 -12.27 -20.73
C GLY A 4 18.30 -13.19 -20.03
N SER A 5 17.48 -12.61 -19.15
CA SER A 5 16.48 -13.38 -18.43
C SER A 5 15.46 -13.98 -19.38
N ARG A 6 15.00 -15.19 -19.08
CA ARG A 6 14.03 -15.86 -19.94
C ARG A 6 12.74 -15.04 -20.03
N LYS A 7 12.24 -14.88 -21.25
CA LYS A 7 11.02 -14.11 -21.47
C LYS A 7 9.86 -14.75 -20.73
N ILE A 8 8.92 -13.92 -20.27
CA ILE A 8 7.75 -14.41 -19.55
C ILE A 8 6.59 -14.66 -20.51
N ALA A 9 5.99 -15.83 -20.41
CA ALA A 9 4.87 -16.19 -21.28
C ALA A 9 3.72 -15.21 -21.09
N GLN A 10 2.75 -15.25 -22.00
CA GLN A 10 1.60 -14.35 -21.92
C GLN A 10 0.90 -14.51 -20.57
N MET A 11 0.70 -13.39 -19.89
CA MET A 11 0.03 -13.40 -18.59
C MET A 11 -1.47 -13.41 -18.75
N THR A 12 -2.16 -14.18 -17.93
CA THR A 12 -3.61 -14.27 -18.00
C THR A 12 -4.25 -13.03 -17.38
N GLU A 13 -5.53 -12.84 -17.65
CA GLU A 13 -6.23 -11.67 -17.12
C GLU A 13 -6.23 -11.70 -15.59
N GLU A 14 -6.47 -12.88 -15.02
CA GLU A 14 -6.50 -13.02 -13.58
C GLU A 14 -5.14 -12.68 -12.98
N GLU A 15 -4.08 -13.13 -13.65
CA GLU A 15 -2.73 -12.88 -13.15
C GLU A 15 -2.44 -11.38 -13.13
N GLN A 16 -2.86 -10.69 -14.18
CA GLN A 16 -2.64 -9.24 -14.26
C GLN A 16 -3.40 -8.51 -13.16
N PHE A 17 -4.61 -8.96 -12.91
CA PHE A 17 -5.44 -8.34 -11.87
C PHE A 17 -4.77 -8.46 -10.51
N ALA A 18 -4.28 -9.66 -10.21
CA ALA A 18 -3.61 -9.91 -8.94
C ALA A 18 -2.38 -9.04 -8.81
N LEU A 19 -1.66 -8.88 -9.92
CA LEU A 19 -0.45 -8.07 -9.91
C LEU A 19 -0.78 -6.62 -9.55
N ALA A 20 -1.87 -6.12 -10.11
CA ALA A 20 -2.28 -4.75 -9.85
C ALA A 20 -2.54 -4.55 -8.36
N LEU A 21 -3.17 -5.54 -7.74
CA LEU A 21 -3.48 -5.47 -6.32
C LEU A 21 -2.19 -5.40 -5.50
N LYS A 22 -1.19 -6.17 -5.92
CA LYS A 22 0.08 -6.19 -5.22
C LYS A 22 0.74 -4.83 -5.31
N MET A 23 0.62 -4.18 -6.46
CA MET A 23 1.22 -2.87 -6.67
C MET A 23 0.62 -1.86 -5.69
N SER A 24 -0.69 -1.92 -5.50
CA SER A 24 -1.36 -1.01 -4.58
C SER A 24 -0.86 -1.23 -3.16
N GLU A 25 -0.67 -2.49 -2.80
CA GLU A 25 -0.18 -2.83 -1.47
C GLU A 25 1.23 -2.27 -1.27
N GLN A 26 2.05 -2.38 -2.30
CA GLN A 26 3.41 -1.87 -2.23
C GLN A 26 3.41 -0.38 -1.98
N GLU A 27 2.49 0.33 -2.61
CA GLU A 27 2.40 1.78 -2.44
C GLU A 27 2.11 2.12 -0.98
N ALA A 28 1.22 1.36 -0.36
CA ALA A 28 0.89 1.58 1.04
C ALA A 28 2.07 1.22 1.94
N ARG A 29 2.77 0.16 1.57
CA ARG A 29 3.92 -0.31 2.35
C ARG A 29 5.07 0.69 2.25
N GLU A 30 5.03 1.55 1.24
CA GLU A 30 6.08 2.54 1.06
C GLU A 30 5.95 3.65 2.08
N VAL A 31 4.82 3.69 2.76
CA VAL A 31 4.59 4.70 3.78
C VAL A 31 5.24 4.27 5.09
N ASN A 32 6.05 5.17 5.67
CA ASN A 32 6.72 4.87 6.93
C ASN A 32 5.81 5.15 8.11
N SER A 33 5.56 4.12 8.91
CA SER A 33 4.72 4.26 10.09
C SER A 33 5.48 4.98 11.20
N GLN A 34 6.80 4.82 11.18
CA GLN A 34 7.64 5.45 12.18
C GLN A 34 7.66 6.96 12.02
N GLU A 35 7.61 7.43 10.77
CA GLU A 35 7.66 8.86 10.51
C GLU A 35 6.47 9.56 11.15
N GLU A 36 5.29 8.97 11.00
CA GLU A 36 4.09 9.56 11.58
C GLU A 36 4.09 9.37 13.09
N GLU A 37 4.58 8.22 13.55
CA GLU A 37 4.64 7.94 14.98
C GLU A 37 5.58 8.92 15.68
N GLU A 38 6.73 9.18 15.05
CA GLU A 38 7.70 10.10 15.63
C GLU A 38 7.10 11.50 15.72
N GLU A 39 6.36 11.90 14.69
CA GLU A 39 5.75 13.22 14.69
C GLU A 39 4.76 13.35 15.85
N GLU A 40 4.01 12.30 16.11
CA GLU A 40 3.04 12.33 17.20
C GLU A 40 3.73 12.51 18.55
N LEU A 41 4.84 11.82 18.74
CA LEU A 41 5.58 11.92 20.00
C LEU A 41 6.20 13.30 20.14
N LEU A 42 6.73 13.82 19.05
CA LEU A 42 7.35 15.14 19.09
C LEU A 42 6.29 16.21 19.37
N ARG A 43 5.14 16.05 18.76
CA ARG A 43 4.07 17.01 18.96
C ARG A 43 3.66 17.04 20.42
N LYS A 44 3.59 15.87 21.04
CA LYS A 44 3.19 15.77 22.44
C LYS A 44 4.19 16.50 23.33
N ALA A 45 5.48 16.34 23.04
CA ALA A 45 6.52 16.99 23.84
C ALA A 45 6.37 18.49 23.79
N ILE A 46 6.05 19.02 22.61
CA ILE A 46 5.87 20.45 22.45
C ILE A 46 4.68 20.94 23.30
N ALA A 47 3.60 20.19 23.26
CA ALA A 47 2.40 20.55 24.02
C ALA A 47 2.71 20.58 25.51
N GLU A 48 3.53 19.63 25.96
CA GLU A 48 3.88 19.56 27.37
C GLU A 48 4.65 20.82 27.79
N SER A 49 5.50 21.31 26.91
CA SER A 49 6.29 22.50 27.22
C SER A 49 5.36 23.70 27.44
N LEU A 50 4.35 23.83 26.58
CA LEU A 50 3.41 24.92 26.72
C LEU A 50 2.53 24.72 27.96
N ASN A 51 2.22 23.47 28.25
CA ASN A 51 1.38 23.17 29.41
C ASN A 51 2.12 23.50 30.70
N SER A 52 3.45 23.42 30.66
CA SER A 52 4.26 23.71 31.84
C SER A 52 4.62 25.19 31.87
N CYS A 53 4.45 25.88 30.74
CA CYS A 53 4.75 27.29 30.67
C CYS A 53 6.05 27.61 31.40
N ARG A 54 7.16 27.14 30.85
CA ARG A 54 8.45 27.37 31.47
C ARG A 54 8.83 28.85 31.40
N PRO A 55 9.56 29.35 32.38
CA PRO A 55 9.99 30.79 32.41
C PRO A 55 11.01 31.10 31.31
N SER A 56 10.92 32.32 30.78
CA SER A 56 11.83 32.76 29.73
C SER A 56 13.22 33.00 30.30
N ASP A 57 14.25 32.71 29.51
CA ASP A 57 15.62 32.90 29.95
C ASP A 57 16.01 34.38 29.87
N ALA A 58 16.40 34.94 31.01
CA ALA A 58 16.80 36.35 31.06
C ALA A 58 18.06 36.58 30.23
N SER A 59 18.94 35.58 30.22
CA SER A 59 20.18 35.69 29.46
C SER A 59 19.92 35.54 27.96
N ALA A 60 18.81 34.89 27.62
CA ALA A 60 18.45 34.68 26.22
C ALA A 60 19.24 33.53 25.64
N THR A 61 20.09 32.91 26.46
CA THR A 61 20.90 31.80 26.03
C THR A 61 20.11 30.50 26.09
N ARG A 62 20.56 29.50 25.33
CA ARG A 62 19.87 28.21 25.32
C ARG A 62 20.40 27.32 26.44
N SER A 63 19.50 26.83 27.27
CA SER A 63 19.88 25.96 28.37
C SER A 63 20.75 24.80 27.87
N GLY A 1 28.57 -11.73 -21.58
CA GLY A 1 27.83 -12.50 -22.61
C GLY A 1 26.33 -12.33 -22.41
N PRO A 2 25.54 -12.74 -23.36
CA PRO A 2 24.05 -12.64 -23.29
C PRO A 2 23.45 -13.57 -22.24
N LEU A 3 22.39 -13.13 -21.59
CA LEU A 3 21.73 -13.93 -20.57
C LEU A 3 21.15 -15.20 -21.18
N GLY A 4 20.55 -15.06 -22.36
CA GLY A 4 19.96 -16.21 -23.04
C GLY A 4 18.74 -16.73 -22.28
N SER A 5 18.04 -15.83 -21.60
CA SER A 5 16.87 -16.21 -20.83
C SER A 5 15.75 -16.66 -21.77
N ARG A 6 14.83 -17.46 -21.22
CA ARG A 6 13.70 -17.96 -22.01
C ARG A 6 12.71 -16.84 -22.30
N LYS A 7 12.02 -16.95 -23.43
CA LYS A 7 11.05 -15.94 -23.82
C LYS A 7 9.95 -15.83 -22.78
N ILE A 8 9.43 -14.62 -22.59
CA ILE A 8 8.37 -14.38 -21.62
C ILE A 8 7.03 -14.83 -22.16
N ALA A 9 6.32 -15.63 -21.37
CA ALA A 9 5.00 -16.14 -21.78
C ALA A 9 3.93 -15.08 -21.55
N GLN A 10 2.79 -15.24 -22.20
CA GLN A 10 1.70 -14.29 -22.07
C GLN A 10 1.03 -14.45 -20.70
N MET A 11 0.81 -13.33 -20.02
CA MET A 11 0.18 -13.34 -18.71
C MET A 11 -1.33 -13.38 -18.86
N THR A 12 -1.99 -14.14 -17.97
CA THR A 12 -3.44 -14.25 -18.00
C THR A 12 -4.09 -13.01 -17.39
N GLU A 13 -5.37 -12.82 -17.67
CA GLU A 13 -6.09 -11.67 -17.14
C GLU A 13 -6.13 -11.71 -15.61
N GLU A 14 -6.32 -12.91 -15.07
CA GLU A 14 -6.39 -13.06 -13.62
C GLU A 14 -5.07 -12.66 -12.97
N GLU A 15 -3.96 -13.06 -13.59
CA GLU A 15 -2.64 -12.72 -13.07
C GLU A 15 -2.42 -11.22 -13.08
N GLN A 16 -2.86 -10.57 -14.16
CA GLN A 16 -2.70 -9.13 -14.27
C GLN A 16 -3.47 -8.42 -13.17
N PHE A 17 -4.69 -8.89 -12.90
CA PHE A 17 -5.51 -8.30 -11.86
C PHE A 17 -4.83 -8.40 -10.50
N ALA A 18 -4.33 -9.60 -10.19
CA ALA A 18 -3.67 -9.83 -8.91
C ALA A 18 -2.47 -8.91 -8.77
N LEU A 19 -1.76 -8.71 -9.87
CA LEU A 19 -0.59 -7.85 -9.84
C LEU A 19 -0.99 -6.42 -9.47
N ALA A 20 -2.11 -5.95 -10.01
CA ALA A 20 -2.56 -4.60 -9.73
C ALA A 20 -2.79 -4.41 -8.24
N LEU A 21 -3.40 -5.39 -7.60
CA LEU A 21 -3.65 -5.31 -6.17
C LEU A 21 -2.33 -5.32 -5.39
N LYS A 22 -1.40 -6.15 -5.84
CA LYS A 22 -0.12 -6.25 -5.17
C LYS A 22 0.63 -4.92 -5.24
N MET A 23 0.56 -4.29 -6.41
CA MET A 23 1.23 -3.01 -6.60
C MET A 23 0.67 -1.95 -5.65
N SER A 24 -0.64 -1.95 -5.48
CA SER A 24 -1.27 -0.98 -4.59
C SER A 24 -0.81 -1.20 -3.16
N GLU A 25 -0.68 -2.46 -2.76
CA GLU A 25 -0.23 -2.79 -1.41
C GLU A 25 1.19 -2.31 -1.19
N GLN A 26 2.02 -2.45 -2.22
CA GLN A 26 3.41 -2.01 -2.12
C GLN A 26 3.48 -0.50 -1.92
N GLU A 27 2.61 0.22 -2.61
CA GLU A 27 2.59 1.68 -2.49
C GLU A 27 2.31 2.09 -1.05
N ALA A 28 1.35 1.42 -0.42
CA ALA A 28 1.01 1.72 0.97
C ALA A 28 2.19 1.42 1.89
N ARG A 29 2.88 0.32 1.60
CA ARG A 29 4.03 -0.08 2.41
C ARG A 29 5.21 0.87 2.18
N GLU A 30 5.17 1.59 1.07
CA GLU A 30 6.24 2.54 0.74
C GLU A 30 6.09 3.83 1.52
N VAL A 31 5.09 3.87 2.38
CA VAL A 31 4.84 5.06 3.19
C VAL A 31 5.94 5.20 4.25
N ASN A 32 6.53 6.40 4.32
CA ASN A 32 7.59 6.65 5.30
C ASN A 32 7.00 7.05 6.64
N SER A 33 7.31 6.27 7.67
CA SER A 33 6.83 6.53 9.02
C SER A 33 7.42 7.83 9.54
N GLN A 34 8.56 8.22 8.99
CA GLN A 34 9.24 9.44 9.40
C GLN A 34 8.34 10.65 9.16
N GLU A 35 7.55 10.60 8.09
CA GLU A 35 6.67 11.72 7.78
C GLU A 35 5.68 11.92 8.91
N GLU A 36 5.15 10.83 9.43
CA GLU A 36 4.19 10.90 10.54
C GLU A 36 4.88 11.39 11.80
N GLU A 37 6.08 10.88 12.04
CA GLU A 37 6.87 11.24 13.22
C GLU A 37 7.21 12.72 13.19
N GLU A 38 7.38 13.25 11.99
CA GLU A 38 7.73 14.66 11.84
C GLU A 38 6.68 15.54 12.49
N GLU A 39 5.41 15.12 12.42
CA GLU A 39 4.34 15.90 13.02
C GLU A 39 4.55 16.06 14.53
N GLU A 40 4.98 14.98 15.17
CA GLU A 40 5.22 15.02 16.62
C GLU A 40 6.35 15.97 16.95
N LEU A 41 7.39 15.97 16.12
CA LEU A 41 8.54 16.86 16.36
C LEU A 41 8.11 18.32 16.32
N LEU A 42 7.25 18.65 15.38
CA LEU A 42 6.79 20.03 15.27
C LEU A 42 6.02 20.44 16.52
N ARG A 43 5.17 19.56 17.01
CA ARG A 43 4.40 19.87 18.21
C ARG A 43 5.32 20.06 19.40
N LYS A 44 6.32 19.20 19.52
CA LYS A 44 7.26 19.29 20.63
C LYS A 44 8.09 20.56 20.53
N ALA A 45 8.49 20.90 19.31
CA ALA A 45 9.29 22.10 19.08
C ALA A 45 8.54 23.33 19.54
N ILE A 46 7.24 23.37 19.27
CA ILE A 46 6.43 24.52 19.66
C ILE A 46 6.41 24.67 21.18
N ALA A 47 6.20 23.55 21.87
CA ALA A 47 6.16 23.58 23.32
C ALA A 47 7.50 24.02 23.88
N GLU A 48 8.58 23.51 23.28
CA GLU A 48 9.92 23.87 23.73
C GLU A 48 10.17 25.36 23.52
N SER A 49 9.71 25.89 22.40
CA SER A 49 9.91 27.31 22.10
C SER A 49 9.18 28.17 23.14
N LEU A 50 7.98 27.74 23.52
CA LEU A 50 7.20 28.48 24.50
C LEU A 50 7.87 28.40 25.87
N ASN A 51 8.47 27.25 26.16
CA ASN A 51 9.15 27.07 27.43
C ASN A 51 10.53 27.73 27.39
N SER A 52 11.08 27.88 26.20
CA SER A 52 12.40 28.50 26.04
C SER A 52 12.29 30.00 26.15
N CYS A 53 11.09 30.53 25.98
CA CYS A 53 10.88 31.97 26.06
C CYS A 53 11.87 32.71 25.17
N ARG A 54 12.30 33.89 25.62
CA ARG A 54 13.24 34.70 24.87
C ARG A 54 13.92 35.72 25.79
N PRO A 55 13.17 36.61 26.38
CA PRO A 55 13.73 37.65 27.30
C PRO A 55 14.41 37.03 28.52
N SER A 56 15.51 37.64 28.95
CA SER A 56 16.24 37.18 30.12
C SER A 56 15.47 37.48 31.39
N ASP A 57 15.60 36.60 32.39
CA ASP A 57 14.89 36.80 33.64
C ASP A 57 15.29 38.12 34.28
N ALA A 58 14.30 38.88 34.75
CA ALA A 58 14.56 40.16 35.38
C ALA A 58 15.36 39.98 36.68
N SER A 59 15.08 38.89 37.39
CA SER A 59 15.77 38.61 38.65
C SER A 59 17.19 38.14 38.39
N ALA A 60 17.43 37.64 37.18
CA ALA A 60 18.77 37.15 36.81
C ALA A 60 19.00 35.77 37.41
N THR A 61 18.31 35.47 38.51
CA THR A 61 18.44 34.18 39.17
C THR A 61 17.73 33.09 38.38
N ARG A 62 18.44 31.99 38.13
CA ARG A 62 17.87 30.89 37.38
C ARG A 62 17.15 29.92 38.33
N SER A 63 15.89 29.65 38.02
CA SER A 63 15.10 28.74 38.84
C SER A 63 15.57 27.30 38.65
N GLY A 1 24.24 -9.02 -28.04
CA GLY A 1 23.42 -9.20 -26.82
C GLY A 1 23.44 -10.67 -26.40
N PRO A 2 24.60 -11.20 -26.11
CA PRO A 2 24.76 -12.62 -25.69
C PRO A 2 24.26 -12.86 -24.27
N LEU A 3 23.43 -11.94 -23.78
CA LEU A 3 22.90 -12.07 -22.43
C LEU A 3 22.09 -13.34 -22.28
N GLY A 4 21.33 -13.67 -23.32
CA GLY A 4 20.51 -14.88 -23.30
C GLY A 4 19.34 -14.73 -22.34
N SER A 5 18.87 -13.49 -22.16
CA SER A 5 17.76 -13.23 -21.27
C SER A 5 16.51 -13.99 -21.72
N ARG A 6 15.75 -14.48 -20.76
CA ARG A 6 14.54 -15.22 -21.05
C ARG A 6 13.43 -14.29 -21.51
N LYS A 7 12.70 -14.71 -22.56
CA LYS A 7 11.62 -13.89 -23.09
C LYS A 7 10.48 -13.79 -22.08
N ILE A 8 9.78 -12.67 -22.10
CA ILE A 8 8.66 -12.46 -21.18
C ILE A 8 7.42 -13.18 -21.68
N ALA A 9 6.84 -14.02 -20.82
CA ALA A 9 5.64 -14.77 -21.18
C ALA A 9 4.41 -13.89 -21.05
N GLN A 10 3.38 -14.20 -21.83
CA GLN A 10 2.14 -13.43 -21.78
C GLN A 10 1.43 -13.65 -20.46
N MET A 11 1.02 -12.55 -19.83
CA MET A 11 0.33 -12.64 -18.54
C MET A 11 -1.18 -12.78 -18.75
N THR A 12 -1.81 -13.61 -17.93
CA THR A 12 -3.24 -13.83 -18.04
C THR A 12 -4.00 -12.67 -17.39
N GLU A 13 -5.28 -12.56 -17.73
CA GLU A 13 -6.11 -11.49 -17.19
C GLU A 13 -6.22 -11.61 -15.67
N GLU A 14 -6.37 -12.84 -15.19
CA GLU A 14 -6.48 -13.08 -13.76
C GLU A 14 -5.19 -12.69 -13.04
N GLU A 15 -4.07 -13.04 -13.67
CA GLU A 15 -2.76 -12.72 -13.09
C GLU A 15 -2.55 -11.22 -13.04
N GLN A 16 -2.97 -10.52 -14.10
CA GLN A 16 -2.81 -9.07 -14.16
C GLN A 16 -3.56 -8.41 -13.03
N PHE A 17 -4.77 -8.90 -12.75
CA PHE A 17 -5.59 -8.33 -11.69
C PHE A 17 -4.89 -8.47 -10.35
N ALA A 18 -4.36 -9.66 -10.07
CA ALA A 18 -3.67 -9.91 -8.81
C ALA A 18 -2.46 -9.00 -8.69
N LEU A 19 -1.74 -8.81 -9.79
CA LEU A 19 -0.56 -7.95 -9.79
C LEU A 19 -0.95 -6.52 -9.46
N ALA A 20 -2.09 -6.06 -9.99
CA ALA A 20 -2.55 -4.71 -9.74
C ALA A 20 -2.75 -4.48 -8.24
N LEU A 21 -3.35 -5.46 -7.58
CA LEU A 21 -3.59 -5.37 -6.15
C LEU A 21 -2.28 -5.32 -5.38
N LYS A 22 -1.31 -6.11 -5.85
CA LYS A 22 0.00 -6.15 -5.21
C LYS A 22 0.69 -4.80 -5.32
N MET A 23 0.55 -4.16 -6.46
CA MET A 23 1.18 -2.86 -6.68
C MET A 23 0.62 -1.83 -5.70
N SER A 24 -0.69 -1.88 -5.48
CA SER A 24 -1.32 -0.93 -4.56
C SER A 24 -0.79 -1.14 -3.14
N GLU A 25 -0.59 -2.40 -2.77
CA GLU A 25 -0.07 -2.71 -1.44
C GLU A 25 1.34 -2.19 -1.28
N GLN A 26 2.14 -2.31 -2.33
CA GLN A 26 3.52 -1.84 -2.29
C GLN A 26 3.56 -0.33 -2.08
N GLU A 27 2.65 0.38 -2.72
CA GLU A 27 2.60 1.84 -2.58
C GLU A 27 2.36 2.21 -1.13
N ALA A 28 1.47 1.49 -0.47
CA ALA A 28 1.18 1.76 0.94
C ALA A 28 2.38 1.39 1.82
N ARG A 29 3.02 0.27 1.48
CA ARG A 29 4.18 -0.20 2.23
C ARG A 29 5.39 0.70 2.00
N GLU A 30 5.34 1.49 0.94
CA GLU A 30 6.43 2.39 0.61
C GLU A 30 6.46 3.58 1.57
N VAL A 31 5.47 3.65 2.42
CA VAL A 31 5.39 4.74 3.39
C VAL A 31 6.46 4.57 4.46
N ASN A 32 7.23 5.62 4.70
CA ASN A 32 8.30 5.56 5.71
C ASN A 32 7.74 5.85 7.09
N SER A 33 7.89 4.88 7.99
CA SER A 33 7.42 5.03 9.36
C SER A 33 8.35 5.96 10.15
N GLN A 34 9.60 6.01 9.72
CA GLN A 34 10.59 6.85 10.39
C GLN A 34 10.19 8.32 10.33
N GLU A 35 9.60 8.72 9.21
CA GLU A 35 9.19 10.10 9.04
C GLU A 35 8.16 10.47 10.11
N GLU A 36 7.21 9.57 10.36
CA GLU A 36 6.19 9.83 11.36
C GLU A 36 6.81 9.88 12.76
N GLU A 37 7.76 8.98 13.01
CA GLU A 37 8.43 8.93 14.30
C GLU A 37 9.25 10.20 14.52
N GLU A 38 9.88 10.67 13.45
CA GLU A 38 10.71 11.86 13.56
C GLU A 38 9.87 13.07 13.98
N GLU A 39 8.68 13.18 13.40
CA GLU A 39 7.79 14.29 13.74
C GLU A 39 7.40 14.22 15.21
N GLU A 40 7.12 13.02 15.70
CA GLU A 40 6.73 12.85 17.09
C GLU A 40 7.89 13.24 18.01
N LEU A 41 9.10 12.83 17.64
CA LEU A 41 10.28 13.15 18.44
C LEU A 41 10.52 14.65 18.44
N LEU A 42 10.30 15.28 17.30
CA LEU A 42 10.53 16.71 17.19
C LEU A 42 9.59 17.46 18.13
N ARG A 43 8.33 17.05 18.16
CA ARG A 43 7.34 17.70 19.01
C ARG A 43 7.71 17.54 20.47
N LYS A 44 8.18 16.34 20.83
CA LYS A 44 8.57 16.07 22.20
C LYS A 44 9.75 16.94 22.62
N ALA A 45 10.72 17.08 21.72
CA ALA A 45 11.90 17.88 22.02
C ALA A 45 11.51 19.33 22.29
N ILE A 46 10.57 19.84 21.49
CA ILE A 46 10.12 21.21 21.67
C ILE A 46 9.46 21.39 23.04
N ALA A 47 8.60 20.45 23.39
CA ALA A 47 7.90 20.53 24.68
C ALA A 47 8.89 20.49 25.83
N GLU A 48 9.89 19.63 25.72
CA GLU A 48 10.90 19.51 26.76
C GLU A 48 11.69 20.80 26.91
N SER A 49 11.98 21.45 25.79
CA SER A 49 12.74 22.69 25.81
C SER A 49 12.00 23.77 26.59
N LEU A 50 10.69 23.83 26.40
CA LEU A 50 9.88 24.82 27.10
C LEU A 50 9.64 24.39 28.55
N ASN A 51 9.53 23.09 28.76
CA ASN A 51 9.31 22.57 30.10
C ASN A 51 10.62 22.46 30.88
N SER A 52 11.72 22.43 30.14
CA SER A 52 13.04 22.33 30.76
C SER A 52 13.56 23.71 31.16
N CYS A 53 12.72 24.73 30.96
CA CYS A 53 13.11 26.10 31.31
C CYS A 53 11.90 26.87 31.84
N ARG A 54 12.16 27.79 32.77
CA ARG A 54 11.10 28.58 33.36
C ARG A 54 11.67 29.67 34.24
N PRO A 55 12.23 30.70 33.66
CA PRO A 55 12.85 31.84 34.40
C PRO A 55 11.84 32.49 35.36
N SER A 56 12.33 32.84 36.55
CA SER A 56 11.49 33.49 37.55
C SER A 56 11.24 34.95 37.19
N ASP A 57 10.04 35.43 37.49
CA ASP A 57 9.69 36.82 37.20
C ASP A 57 10.56 37.78 38.02
N ALA A 58 10.86 38.93 37.44
CA ALA A 58 11.68 39.92 38.13
C ALA A 58 11.00 40.41 39.40
N SER A 59 9.67 40.48 39.36
CA SER A 59 8.91 40.93 40.52
C SER A 59 8.85 39.85 41.58
N ALA A 60 9.28 38.64 41.22
CA ALA A 60 9.27 37.52 42.16
C ALA A 60 7.86 36.93 42.27
N THR A 61 6.89 37.66 41.74
CA THR A 61 5.50 37.20 41.80
C THR A 61 5.23 36.15 40.75
N ARG A 62 4.19 35.35 40.95
CA ARG A 62 3.84 34.29 40.01
C ARG A 62 2.72 34.76 39.08
N SER A 63 2.95 34.63 37.77
CA SER A 63 1.95 35.04 36.79
C SER A 63 1.54 36.49 37.03
N GLY A 1 12.16 -17.98 -29.04
CA GLY A 1 12.77 -18.01 -30.41
C GLY A 1 14.28 -18.13 -30.28
N PRO A 2 14.89 -17.26 -29.51
CA PRO A 2 16.37 -17.28 -29.30
C PRO A 2 16.87 -18.62 -28.78
N LEU A 3 18.00 -19.07 -29.30
CA LEU A 3 18.57 -20.34 -28.89
C LEU A 3 17.53 -21.46 -28.98
N GLY A 4 16.39 -21.16 -29.57
CA GLY A 4 15.33 -22.14 -29.70
C GLY A 4 14.51 -22.25 -28.42
N SER A 5 14.83 -21.39 -27.45
CA SER A 5 14.13 -21.40 -26.17
C SER A 5 12.66 -21.04 -26.38
N ARG A 6 11.78 -21.74 -25.66
CA ARG A 6 10.34 -21.49 -25.77
C ARG A 6 10.00 -20.10 -25.24
N LYS A 7 9.27 -19.34 -26.03
CA LYS A 7 8.87 -17.99 -25.64
C LYS A 7 7.95 -18.05 -24.41
N ILE A 8 7.96 -16.98 -23.63
CA ILE A 8 7.11 -16.91 -22.45
C ILE A 8 5.68 -16.56 -22.83
N ALA A 9 4.73 -17.38 -22.37
CA ALA A 9 3.33 -17.14 -22.66
C ALA A 9 2.87 -15.84 -22.00
N GLN A 10 1.96 -15.14 -22.66
CA GLN A 10 1.45 -13.89 -22.12
C GLN A 10 0.67 -14.17 -20.85
N MET A 11 0.73 -13.25 -19.90
CA MET A 11 0.01 -13.43 -18.64
C MET A 11 -1.49 -13.24 -18.84
N THR A 12 -2.29 -14.02 -18.12
CA THR A 12 -3.73 -13.93 -18.24
C THR A 12 -4.24 -12.67 -17.55
N GLU A 13 -5.47 -12.29 -17.87
CA GLU A 13 -6.07 -11.11 -17.25
C GLU A 13 -6.18 -11.31 -15.75
N GLU A 14 -6.52 -12.53 -15.34
CA GLU A 14 -6.68 -12.85 -13.93
C GLU A 14 -5.35 -12.60 -13.21
N GLU A 15 -4.26 -13.02 -13.83
CA GLU A 15 -2.94 -12.83 -13.24
C GLU A 15 -2.61 -11.35 -13.12
N GLN A 16 -2.98 -10.58 -14.14
CA GLN A 16 -2.71 -9.15 -14.14
C GLN A 16 -3.44 -8.48 -12.98
N PHE A 17 -4.67 -8.90 -12.74
CA PHE A 17 -5.46 -8.33 -11.66
C PHE A 17 -4.78 -8.56 -10.31
N ALA A 18 -4.32 -9.78 -10.09
CA ALA A 18 -3.64 -10.12 -8.84
C ALA A 18 -2.39 -9.26 -8.66
N LEU A 19 -1.65 -9.07 -9.73
CA LEU A 19 -0.44 -8.26 -9.68
C LEU A 19 -0.79 -6.81 -9.36
N ALA A 20 -1.91 -6.35 -9.89
CA ALA A 20 -2.33 -4.98 -9.64
C ALA A 20 -2.55 -4.75 -8.16
N LEU A 21 -3.17 -5.72 -7.51
CA LEU A 21 -3.43 -5.62 -6.08
C LEU A 21 -2.12 -5.60 -5.29
N LYS A 22 -1.16 -6.39 -5.73
CA LYS A 22 0.13 -6.46 -5.06
C LYS A 22 0.83 -5.11 -5.15
N MET A 23 0.75 -4.48 -6.32
CA MET A 23 1.39 -3.18 -6.50
C MET A 23 0.76 -2.13 -5.60
N SER A 24 -0.56 -2.19 -5.47
CA SER A 24 -1.29 -1.24 -4.63
C SER A 24 -0.86 -1.38 -3.18
N GLU A 25 -0.69 -2.61 -2.73
CA GLU A 25 -0.28 -2.85 -1.35
C GLU A 25 1.10 -2.27 -1.09
N GLN A 26 1.99 -2.41 -2.07
CA GLN A 26 3.35 -1.88 -1.92
C GLN A 26 3.32 -0.36 -1.78
N GLU A 27 2.47 0.29 -2.57
CA GLU A 27 2.36 1.74 -2.52
C GLU A 27 1.65 2.17 -1.23
N ALA A 28 0.77 1.31 -0.74
CA ALA A 28 0.02 1.61 0.47
C ALA A 28 0.95 1.71 1.67
N ARG A 29 2.15 1.15 1.53
CA ARG A 29 3.12 1.18 2.62
C ARG A 29 3.53 2.61 2.92
N GLU A 30 3.42 3.48 1.92
CA GLU A 30 3.79 4.89 2.09
C GLU A 30 2.73 5.63 2.89
N VAL A 31 1.58 5.01 3.04
CA VAL A 31 0.47 5.61 3.78
C VAL A 31 0.65 5.41 5.29
N ASN A 32 0.40 6.46 6.05
CA ASN A 32 0.55 6.39 7.50
C ASN A 32 -0.32 5.25 8.06
N SER A 33 0.12 4.69 9.18
CA SER A 33 -0.61 3.59 9.80
C SER A 33 -2.01 4.02 10.20
N GLN A 34 -2.13 5.22 10.75
CA GLN A 34 -3.41 5.74 11.17
C GLN A 34 -4.36 5.84 9.97
N GLU A 35 -3.84 6.32 8.85
CA GLU A 35 -4.63 6.45 7.62
C GLU A 35 -4.94 5.09 7.02
N GLU A 36 -4.00 4.16 7.15
CA GLU A 36 -4.18 2.83 6.59
C GLU A 36 -5.37 2.13 7.22
N GLU A 37 -5.65 2.42 8.49
CA GLU A 37 -6.77 1.77 9.17
C GLU A 37 -8.08 2.07 8.45
N GLU A 38 -8.28 3.33 8.06
CA GLU A 38 -9.49 3.71 7.35
C GLU A 38 -9.54 3.05 5.98
N GLU A 39 -8.38 3.01 5.31
CA GLU A 39 -8.30 2.41 3.98
C GLU A 39 -8.63 0.92 4.05
N GLU A 40 -8.15 0.27 5.10
CA GLU A 40 -8.38 -1.16 5.26
C GLU A 40 -9.87 -1.44 5.41
N LEU A 41 -10.56 -0.59 6.16
CA LEU A 41 -12.00 -0.77 6.37
C LEU A 41 -12.74 -0.65 5.04
N LEU A 42 -12.33 0.29 4.21
CA LEU A 42 -12.98 0.49 2.92
C LEU A 42 -12.70 -0.70 2.00
N ARG A 43 -11.47 -1.18 2.04
CA ARG A 43 -11.08 -2.31 1.21
C ARG A 43 -11.86 -3.56 1.60
N LYS A 44 -12.07 -3.73 2.90
CA LYS A 44 -12.80 -4.89 3.38
C LYS A 44 -14.24 -4.88 2.86
N ALA A 45 -14.85 -3.71 2.87
CA ALA A 45 -16.22 -3.58 2.39
C ALA A 45 -16.33 -3.98 0.92
N ILE A 46 -15.35 -3.56 0.14
CA ILE A 46 -15.33 -3.89 -1.28
C ILE A 46 -15.22 -5.40 -1.48
N ALA A 47 -14.33 -6.02 -0.73
CA ALA A 47 -14.13 -7.46 -0.84
C ALA A 47 -15.42 -8.21 -0.50
N GLU A 48 -16.12 -7.74 0.53
CA GLU A 48 -17.37 -8.37 0.94
C GLU A 48 -18.40 -8.28 -0.18
N SER A 49 -18.45 -7.15 -0.86
CA SER A 49 -19.39 -6.96 -1.95
C SER A 49 -19.11 -7.92 -3.08
N LEU A 50 -17.84 -8.13 -3.37
CA LEU A 50 -17.45 -9.04 -4.44
C LEU A 50 -17.78 -10.48 -4.08
N ASN A 51 -17.63 -10.81 -2.81
CA ASN A 51 -17.93 -12.17 -2.35
C ASN A 51 -19.44 -12.39 -2.30
N SER A 52 -20.19 -11.31 -2.10
CA SER A 52 -21.66 -11.39 -2.02
C SER A 52 -22.27 -11.24 -3.41
N CYS A 53 -21.44 -10.85 -4.38
CA CYS A 53 -21.90 -10.67 -5.74
C CYS A 53 -22.95 -9.58 -5.81
N ARG A 54 -23.53 -9.40 -6.99
CA ARG A 54 -24.55 -8.36 -7.17
C ARG A 54 -25.95 -8.98 -7.12
N PRO A 55 -26.96 -8.22 -6.74
CA PRO A 55 -28.36 -8.72 -6.68
C PRO A 55 -28.81 -9.33 -8.01
N SER A 56 -29.57 -10.42 -7.92
CA SER A 56 -30.06 -11.10 -9.12
C SER A 56 -31.01 -10.18 -9.88
N ASP A 57 -31.04 -10.34 -11.20
CA ASP A 57 -31.89 -9.50 -12.05
C ASP A 57 -33.34 -9.56 -11.56
N ALA A 58 -33.93 -8.38 -11.36
CA ALA A 58 -35.31 -8.30 -10.88
C ALA A 58 -36.24 -8.94 -11.89
N SER A 59 -35.93 -8.81 -13.17
CA SER A 59 -36.76 -9.38 -14.21
C SER A 59 -36.60 -10.90 -14.27
N ALA A 60 -35.48 -11.39 -13.76
CA ALA A 60 -35.20 -12.82 -13.75
C ALA A 60 -34.77 -13.30 -15.13
N THR A 61 -35.36 -12.70 -16.17
CA THR A 61 -35.04 -13.08 -17.54
C THR A 61 -33.95 -12.17 -18.08
N ARG A 62 -32.87 -12.78 -18.53
CA ARG A 62 -31.75 -12.03 -19.08
C ARG A 62 -32.06 -11.54 -20.49
N SER A 63 -31.71 -10.29 -20.77
CA SER A 63 -31.96 -9.71 -22.09
C SER A 63 -30.83 -8.75 -22.46
#